data_6BKJ
#
_entry.id   6BKJ
#
_cell.length_a   54.930
_cell.length_b   106.690
_cell.length_c   234.630
_cell.angle_alpha   90.000
_cell.angle_beta   90.000
_cell.angle_gamma   90.000
#
_symmetry.space_group_name_H-M   'P 21 21 21'
#
loop_
_entity.id
_entity.type
_entity.pdbx_description
1 polymer Calpain-3
2 polymer Leupeptin
3 non-polymer 'CALCIUM ION'
4 water water
#
loop_
_entity_poly.entity_id
_entity_poly.type
_entity_poly.pdbx_seq_one_letter_code
_entity_poly.pdbx_strand_id
1 'polypeptide(L)'
;IISRNFPIIGVKEKTFEQLHKKCLEKKVLYVDPEFPPDETSLFYSQKFPIQFVWKRPPEICENPRFIIDGANRTDICQGE
LGDCWFLAAIACLTLNQHLLFRVIPHDQSFIENYAGIFHFQFWRYGEWVDVVIDDCLPTYNNQLVFTKSNHRNEFWSALL
EKAYAKLHGSYEALKGGNTTEAMEDFTGGVAEFFEIRDAPSDMYKIMKKAIERGSLMGCSIDDGTNMTYGTSPSGLNMGE
LIARMVRNMDNSLLQDSDLDPRGSDERPTRTIIPVQYETRMACGLVRGHAYSVTGLDEVPFKGEKVKLVRLRNPWGQVEW
NGSWSDRWKDWSFVDKDEKARLQHQVTEDGEFWMSYEDFIYHFTKLEICNLTADLEHHHHHH
;
A,B,C,D
2 'polypeptide(L)' (ACE)LL(AR7) F,G,H,I
#
loop_
_chem_comp.id
_chem_comp.type
_chem_comp.name
_chem_comp.formula
ACE non-polymer 'ACETYL GROUP' 'C2 H4 O'
AR7 peptide-like amino{[(4S)-4-amino-5,5-dihydroxypentyl]amino}methaniminium 'C6 H17 N4 O2 1'
CA non-polymer 'CALCIUM ION' 'Ca 2'
#
# COMPACT_ATOMS: atom_id res chain seq x y z
N LYS A 12 7.18 15.80 26.12
CA LYS A 12 6.32 15.06 25.14
C LYS A 12 5.33 16.00 24.46
N GLU A 13 4.99 15.68 23.22
CA GLU A 13 4.00 16.42 22.41
C GLU A 13 4.25 17.93 22.33
N LYS A 14 5.47 18.29 22.03
CA LYS A 14 5.83 19.70 21.90
C LYS A 14 6.37 19.89 20.49
N THR A 15 6.34 21.10 19.98
CA THR A 15 6.79 21.39 18.62
C THR A 15 8.29 21.33 18.52
N PHE A 16 8.76 21.18 17.28
CA PHE A 16 10.18 21.18 16.98
C PHE A 16 10.78 22.46 17.54
N GLU A 17 10.17 23.56 17.12
CA GLU A 17 10.56 24.88 17.47
C GLU A 17 10.88 25.06 18.91
N GLN A 18 9.93 24.77 19.80
CA GLN A 18 10.23 24.94 21.22
C GLN A 18 11.34 24.02 21.64
N LEU A 19 11.15 22.73 21.45
CA LEU A 19 12.05 21.66 21.90
C LEU A 19 13.55 21.93 21.68
N HIS A 20 13.86 22.38 20.48
CA HIS A 20 15.21 22.82 20.14
C HIS A 20 15.68 23.89 21.12
N LYS A 21 14.91 24.96 21.24
CA LYS A 21 15.24 26.10 22.12
C LYS A 21 15.52 25.64 23.57
N LYS A 22 14.68 24.72 24.03
CA LYS A 22 14.79 24.13 25.36
C LYS A 22 16.15 23.48 25.57
N CYS A 23 16.53 22.63 24.62
CA CYS A 23 17.78 21.89 24.66
C CYS A 23 19.01 22.81 24.60
N LEU A 24 18.89 23.86 23.79
CA LEU A 24 19.94 24.86 23.63
C LEU A 24 20.21 25.63 24.92
N GLU A 25 19.14 25.98 25.62
CA GLU A 25 19.26 26.74 26.87
C GLU A 25 19.74 25.86 28.03
N LYS A 26 19.36 24.59 28.02
CA LYS A 26 19.85 23.63 29.03
C LYS A 26 21.21 23.03 28.65
N LYS A 27 21.73 23.39 27.46
CA LYS A 27 23.05 22.93 26.97
C LYS A 27 23.20 21.39 26.97
N VAL A 28 22.11 20.73 26.61
CA VAL A 28 21.99 19.27 26.58
C VAL A 28 21.58 18.81 25.18
N LEU A 29 22.00 17.61 24.79
CA LEU A 29 21.62 17.04 23.51
C LEU A 29 20.33 16.24 23.63
N TYR A 30 19.43 16.44 22.67
CA TYR A 30 18.10 15.82 22.68
C TYR A 30 18.17 14.30 22.60
N VAL A 31 17.28 13.65 23.36
CA VAL A 31 17.07 12.21 23.29
C VAL A 31 15.57 12.03 23.07
N ASP A 32 15.20 11.29 22.03
CA ASP A 32 13.79 11.12 21.69
C ASP A 32 13.11 10.04 22.53
N PRO A 33 12.13 10.45 23.33
CA PRO A 33 11.38 9.49 24.14
C PRO A 33 10.61 8.45 23.31
N GLU A 34 9.96 8.90 22.24
CA GLU A 34 9.06 8.02 21.45
C GLU A 34 9.80 7.12 20.45
N PHE A 35 11.00 7.49 20.06
CA PHE A 35 11.83 6.66 19.16
C PHE A 35 13.28 6.64 19.69
N PRO A 36 13.50 5.93 20.82
CA PRO A 36 14.77 5.97 21.54
C PRO A 36 15.90 5.17 20.87
N PRO A 37 17.17 5.55 21.11
CA PRO A 37 18.31 4.80 20.56
C PRO A 37 18.55 3.46 21.27
N ASP A 38 17.73 2.46 20.91
CA ASP A 38 17.85 1.09 21.42
C ASP A 38 17.24 0.09 20.41
N GLU A 39 17.19 -1.17 20.80
CA GLU A 39 16.77 -2.24 19.88
C GLU A 39 15.29 -2.18 19.45
N THR A 40 14.46 -1.50 20.24
CA THR A 40 13.02 -1.34 19.93
C THR A 40 12.80 -0.51 18.65
N SER A 41 13.65 0.48 18.43
CA SER A 41 13.58 1.31 17.23
C SER A 41 14.15 0.59 15.99
N LEU A 42 14.95 -0.44 16.23
CA LEU A 42 15.59 -1.19 15.15
C LEU A 42 14.67 -2.23 14.53
N PHE A 43 14.09 -3.07 15.38
CA PHE A 43 13.25 -4.15 14.92
C PHE A 43 12.08 -4.40 15.87
N TYR A 44 11.06 -5.06 15.34
CA TYR A 44 9.99 -5.60 16.15
C TYR A 44 10.00 -7.11 16.23
N SER A 45 10.20 -7.78 15.09
CA SER A 45 10.16 -9.25 15.07
C SER A 45 11.53 -9.87 14.97
N GLN A 46 12.18 -9.68 13.83
CA GLN A 46 13.46 -10.35 13.56
C GLN A 46 14.59 -9.46 14.02
N LYS A 47 15.53 -10.05 14.74
CA LYS A 47 16.69 -9.36 15.28
C LYS A 47 17.82 -9.31 14.24
N PHE A 48 18.48 -8.16 14.19
CA PHE A 48 19.68 -7.96 13.37
C PHE A 48 20.82 -8.62 14.15
N PRO A 49 21.59 -9.52 13.50
CA PRO A 49 22.48 -10.39 14.25
C PRO A 49 23.65 -9.68 14.94
N ILE A 50 24.28 -8.75 14.24
CA ILE A 50 25.37 -7.94 14.79
C ILE A 50 24.81 -6.89 15.75
N GLN A 51 25.36 -6.79 16.96
CA GLN A 51 24.99 -5.73 17.89
C GLN A 51 25.44 -4.31 17.51
N PHE A 52 24.47 -3.44 17.31
CA PHE A 52 24.73 -2.08 16.86
C PHE A 52 24.95 -1.09 17.99
N VAL A 53 25.84 -0.14 17.74
CA VAL A 53 26.11 0.95 18.66
C VAL A 53 25.45 2.19 18.09
N TRP A 54 24.72 2.91 18.94
CA TRP A 54 24.14 4.18 18.56
C TRP A 54 25.14 5.30 18.83
N LYS A 55 25.33 6.15 17.82
CA LYS A 55 26.27 7.26 17.91
C LYS A 55 25.74 8.44 17.11
N ARG A 56 25.93 9.63 17.67
CA ARG A 56 25.63 10.88 17.00
C ARG A 56 26.77 11.24 16.02
N PRO A 57 26.47 11.93 14.90
CA PRO A 57 27.56 12.21 13.94
C PRO A 57 28.81 12.96 14.46
N PRO A 58 28.68 13.87 15.47
CA PRO A 58 29.90 14.44 16.06
C PRO A 58 30.82 13.43 16.76
N GLU A 59 30.23 12.33 17.25
CA GLU A 59 30.99 11.25 17.84
C GLU A 59 31.63 10.36 16.78
N ILE A 60 31.08 10.38 15.58
CA ILE A 60 31.58 9.53 14.48
C ILE A 60 32.77 10.16 13.76
N CYS A 61 32.70 11.45 13.45
CA CYS A 61 33.77 12.16 12.76
C CYS A 61 34.01 13.55 13.32
N GLU A 62 35.14 14.14 12.93
CA GLU A 62 35.60 15.44 13.40
C GLU A 62 34.69 16.60 13.01
N ASN A 63 34.40 16.68 11.72
CA ASN A 63 33.62 17.78 11.21
C ASN A 63 32.47 17.31 10.37
N PRO A 64 31.36 17.02 11.02
CA PRO A 64 30.11 16.60 10.43
C PRO A 64 29.42 17.76 9.79
N ARG A 65 28.58 17.50 8.81
CA ARG A 65 27.88 18.57 8.10
C ARG A 65 26.51 18.04 7.76
N PHE A 66 25.52 18.92 7.63
CA PHE A 66 24.22 18.46 7.24
C PHE A 66 24.28 18.10 5.78
N ILE A 67 24.47 19.10 4.94
CA ILE A 67 24.53 18.89 3.49
C ILE A 67 25.79 19.49 2.94
N ILE A 68 26.47 18.76 2.07
CA ILE A 68 27.66 19.28 1.42
C ILE A 68 27.39 19.34 -0.05
N ASP A 69 27.79 20.45 -0.67
CA ASP A 69 27.65 20.75 -2.12
C ASP A 69 26.34 20.24 -2.74
N GLY A 70 25.23 20.57 -2.07
CA GLY A 70 23.90 20.21 -2.52
C GLY A 70 23.47 18.82 -2.09
N ALA A 71 22.17 18.70 -1.87
CA ALA A 71 21.54 17.42 -1.62
C ALA A 71 21.27 16.86 -3.00
N ASN A 72 21.99 15.83 -3.40
CA ASN A 72 21.77 15.23 -4.69
C ASN A 72 21.87 13.71 -4.60
N ARG A 73 21.66 13.06 -5.73
CA ARG A 73 21.41 11.64 -5.75
C ARG A 73 22.62 10.80 -5.35
N THR A 74 23.82 11.33 -5.53
CA THR A 74 25.01 10.62 -5.11
C THR A 74 25.13 10.56 -3.58
N ASP A 75 24.31 11.32 -2.86
CA ASP A 75 24.26 11.26 -1.40
C ASP A 75 23.41 10.11 -0.86
N ILE A 76 22.81 9.34 -1.75
CA ILE A 76 21.94 8.25 -1.32
C ILE A 76 22.54 6.90 -1.63
N CYS A 77 23.08 6.25 -0.62
CA CYS A 77 23.66 4.91 -0.80
C CYS A 77 23.12 3.93 0.22
N GLN A 78 22.52 2.85 -0.26
CA GLN A 78 21.89 1.85 0.61
C GLN A 78 22.85 1.14 1.52
N GLY A 79 22.40 0.88 2.72
CA GLY A 79 23.17 0.17 3.72
C GLY A 79 22.74 -1.29 3.76
N GLU A 80 22.80 -1.87 4.95
CA GLU A 80 22.43 -3.28 5.17
C GLU A 80 20.98 -3.30 5.70
N LEU A 81 20.14 -2.78 4.83
CA LEU A 81 18.74 -2.69 4.99
C LEU A 81 18.13 -2.81 3.63
N GLY A 82 16.92 -3.32 3.56
CA GLY A 82 16.30 -3.52 2.28
C GLY A 82 15.26 -2.49 1.93
N ASP A 83 15.56 -1.23 2.14
CA ASP A 83 14.60 -0.17 1.81
C ASP A 83 14.90 0.42 0.43
N CYS A 84 14.99 -0.43 -0.56
CA CYS A 84 15.27 -0.04 -1.91
C CYS A 84 14.24 0.94 -2.47
N TRP A 85 12.98 0.71 -2.17
CA TRP A 85 11.91 1.53 -2.69
C TRP A 85 12.01 2.98 -2.23
N PHE A 86 12.31 3.19 -0.99
CA PHE A 86 12.35 4.52 -0.39
C PHE A 86 13.44 5.35 -0.97
N LEU A 87 14.60 4.76 -1.12
CA LEU A 87 15.71 5.51 -1.67
C LEU A 87 15.47 5.87 -3.12
N ALA A 88 14.92 4.94 -3.88
CA ALA A 88 14.67 5.20 -5.30
C ALA A 88 13.77 6.43 -5.48
N ALA A 89 13.05 6.74 -4.43
CA ALA A 89 12.19 7.91 -4.44
C ALA A 89 12.89 9.20 -4.00
N ILE A 90 13.76 9.12 -3.01
CA ILE A 90 14.56 10.28 -2.60
C ILE A 90 15.42 10.74 -3.77
N ALA A 91 16.08 9.79 -4.43
CA ALA A 91 16.94 10.08 -5.58
C ALA A 91 16.17 10.81 -6.68
N CYS A 92 14.98 10.31 -6.99
CA CYS A 92 14.08 10.96 -7.95
C CYS A 92 13.76 12.38 -7.51
N LEU A 93 13.48 12.55 -6.22
CA LEU A 93 13.13 13.86 -5.65
C LEU A 93 14.22 14.91 -5.81
N THR A 94 15.49 14.52 -5.75
CA THR A 94 16.61 15.45 -5.93
C THR A 94 16.72 15.99 -7.37
N LEU A 95 16.03 15.36 -8.30
CA LEU A 95 15.89 15.89 -9.65
C LEU A 95 14.92 17.09 -9.71
N ASN A 96 14.15 17.28 -8.64
CA ASN A 96 13.31 18.47 -8.48
C ASN A 96 13.62 19.23 -7.17
N GLN A 97 14.63 20.10 -7.26
CA GLN A 97 15.20 20.75 -6.08
C GLN A 97 14.17 21.53 -5.24
N HIS A 98 13.32 22.33 -5.89
CA HIS A 98 12.33 23.12 -5.14
C HIS A 98 11.40 22.23 -4.33
N LEU A 99 11.01 21.09 -4.90
CA LEU A 99 10.20 20.10 -4.21
C LEU A 99 10.92 19.45 -3.02
N LEU A 100 12.22 19.24 -3.19
CA LEU A 100 13.07 18.65 -2.16
C LEU A 100 13.11 19.46 -0.85
N PHE A 101 13.05 20.78 -0.98
CA PHE A 101 13.17 21.65 0.20
C PHE A 101 11.90 21.72 1.04
N ARG A 102 10.80 21.14 0.54
CA ARG A 102 9.57 21.00 1.31
C ARG A 102 9.71 19.87 2.33
N VAL A 103 10.44 18.84 1.92
CA VAL A 103 10.70 17.64 2.73
C VAL A 103 11.83 17.91 3.72
N ILE A 104 12.90 18.53 3.22
CA ILE A 104 14.06 18.84 4.03
C ILE A 104 14.14 20.34 4.32
N PRO A 105 13.88 20.72 5.58
CA PRO A 105 14.12 22.06 6.05
C PRO A 105 15.60 22.29 5.94
N HIS A 106 15.97 23.41 5.36
CA HIS A 106 17.34 23.72 4.96
C HIS A 106 18.20 24.39 6.04
N ASP A 107 17.55 25.01 7.02
CA ASP A 107 18.23 25.74 8.08
C ASP A 107 18.56 24.80 9.25
N GLN A 108 19.40 23.82 8.98
CA GLN A 108 19.83 22.85 10.01
C GLN A 108 21.33 22.70 9.92
N SER A 109 21.98 22.55 11.06
CA SER A 109 23.45 22.56 11.10
C SER A 109 24.06 21.83 12.28
N PHE A 110 25.34 21.50 12.09
CA PHE A 110 26.14 20.88 13.13
C PHE A 110 27.11 21.88 13.72
N ILE A 111 27.29 23.01 13.05
CA ILE A 111 28.22 24.05 13.51
C ILE A 111 27.52 25.25 14.13
N GLU A 112 26.21 25.36 13.93
CA GLU A 112 25.45 26.46 14.50
C GLU A 112 24.20 25.96 15.24
N ASN A 113 24.08 26.39 16.51
CA ASN A 113 22.95 26.05 17.39
C ASN A 113 22.64 24.56 17.44
N TYR A 114 23.70 23.75 17.46
CA TYR A 114 23.56 22.29 17.42
C TYR A 114 23.09 21.78 18.78
N ALA A 115 22.00 21.03 18.77
CA ALA A 115 21.43 20.49 19.99
C ALA A 115 21.01 19.03 19.86
N GLY A 116 21.65 18.31 18.95
CA GLY A 116 21.33 16.90 18.66
C GLY A 116 19.88 16.61 18.26
N ILE A 117 19.21 17.60 17.69
CA ILE A 117 17.80 17.49 17.27
C ILE A 117 17.64 18.03 15.83
N PHE A 118 16.93 17.29 14.99
CA PHE A 118 16.70 17.68 13.59
C PHE A 118 15.28 17.33 13.20
N HIS A 119 14.80 17.85 12.07
CA HIS A 119 13.42 17.54 11.66
C HIS A 119 13.14 17.58 10.16
N PHE A 120 12.14 16.81 9.73
CA PHE A 120 11.74 16.74 8.30
C PHE A 120 10.24 16.79 8.13
N GLN A 121 9.79 16.93 6.90
CA GLN A 121 8.36 17.07 6.58
C GLN A 121 7.91 16.02 5.59
N PHE A 122 6.77 15.40 5.88
CA PHE A 122 6.16 14.44 4.98
C PHE A 122 4.68 14.76 4.76
N TRP A 123 4.19 14.38 3.58
CA TRP A 123 2.79 14.55 3.20
C TRP A 123 1.98 13.33 3.65
N ARG A 124 1.08 13.55 4.60
CA ARG A 124 0.29 12.50 5.22
C ARG A 124 -1.16 12.91 5.39
N TYR A 125 -2.04 12.11 4.81
CA TYR A 125 -3.49 12.32 4.86
C TYR A 125 -3.83 13.78 4.48
N GLY A 126 -3.39 14.19 3.28
CA GLY A 126 -3.69 15.52 2.74
C GLY A 126 -3.05 16.75 3.38
N GLU A 127 -1.98 16.57 4.16
CA GLU A 127 -1.28 17.70 4.80
C GLU A 127 0.19 17.44 5.15
N TRP A 128 0.99 18.50 5.15
CA TRP A 128 2.37 18.44 5.62
C TRP A 128 2.44 18.24 7.12
N VAL A 129 3.15 17.20 7.54
CA VAL A 129 3.35 16.90 8.96
C VAL A 129 4.86 16.89 9.27
N ASP A 130 5.22 17.39 10.45
CA ASP A 130 6.63 17.42 10.82
C ASP A 130 7.05 16.28 11.71
N VAL A 131 8.24 15.77 11.46
CA VAL A 131 8.81 14.69 12.25
C VAL A 131 10.06 15.15 13.00
N VAL A 132 10.07 14.94 14.31
CA VAL A 132 11.22 15.33 15.14
C VAL A 132 11.99 14.11 15.56
N ILE A 133 13.29 14.18 15.45
CA ILE A 133 14.15 13.09 15.85
C ILE A 133 15.46 13.54 16.45
N ASP A 134 16.01 12.70 17.32
CA ASP A 134 17.36 12.86 17.85
C ASP A 134 18.33 12.35 16.79
N ASP A 135 19.58 12.81 16.83
CA ASP A 135 20.54 12.46 15.80
C ASP A 135 21.37 11.20 16.06
N CYS A 136 20.93 10.36 16.99
CA CYS A 136 21.61 9.10 17.23
C CYS A 136 21.33 8.16 16.07
N LEU A 137 22.39 7.54 15.56
CA LEU A 137 22.29 6.69 14.38
C LEU A 137 22.97 5.36 14.65
N PRO A 138 22.42 4.25 14.10
CA PRO A 138 23.03 2.94 14.29
C PRO A 138 24.36 2.79 13.53
N THR A 139 25.39 2.31 14.23
CA THR A 139 26.72 2.10 13.68
C THR A 139 27.35 0.77 14.09
N TYR A 140 28.39 0.39 13.36
CA TYR A 140 29.22 -0.74 13.70
C TYR A 140 30.62 -0.38 13.27
N ASN A 141 31.59 -0.67 14.13
CA ASN A 141 33.00 -0.27 13.93
C ASN A 141 33.11 1.22 13.59
N ASN A 142 32.30 2.02 14.28
CA ASN A 142 32.22 3.47 14.10
C ASN A 142 31.91 3.91 12.67
N GLN A 143 31.10 3.13 11.95
CA GLN A 143 30.61 3.51 10.62
C GLN A 143 29.14 3.12 10.47
N LEU A 144 28.40 3.92 9.70
CA LEU A 144 26.96 3.73 9.52
C LEU A 144 26.62 2.38 8.92
N VAL A 145 25.57 1.76 9.44
CA VAL A 145 25.12 0.48 8.92
C VAL A 145 24.02 0.63 7.90
N PHE A 146 23.27 1.70 7.98
CA PHE A 146 22.12 1.92 7.12
C PHE A 146 22.55 2.97 6.06
N THR A 147 21.56 3.59 5.43
CA THR A 147 21.81 4.55 4.38
C THR A 147 22.79 5.62 4.79
N LYS A 148 23.66 5.98 3.87
CA LYS A 148 24.69 6.95 4.09
C LYS A 148 24.92 7.73 2.82
N SER A 149 25.64 8.84 2.93
CA SER A 149 26.05 9.61 1.76
C SER A 149 27.35 9.03 1.25
N ASN A 150 27.63 9.23 -0.04
CA ASN A 150 28.91 8.82 -0.58
C ASN A 150 30.06 9.69 -0.03
N HIS A 151 29.76 10.90 0.40
CA HIS A 151 30.72 11.74 1.08
C HIS A 151 30.65 11.43 2.58
N ARG A 152 31.80 11.09 3.16
CA ARG A 152 31.88 10.58 4.53
C ARG A 152 31.30 11.51 5.59
N ASN A 153 31.27 12.80 5.32
CA ASN A 153 30.75 13.77 6.27
C ASN A 153 29.34 14.25 6.07
N GLU A 154 28.58 13.65 5.16
CA GLU A 154 27.21 14.11 4.92
C GLU A 154 26.27 13.24 5.68
N PHE A 155 25.35 13.86 6.40
CA PHE A 155 24.39 13.10 7.21
C PHE A 155 22.95 13.43 6.97
N TRP A 156 22.63 14.24 5.97
CA TRP A 156 21.22 14.55 5.74
C TRP A 156 20.41 13.32 5.37
N SER A 157 20.98 12.47 4.52
CA SER A 157 20.26 11.31 4.00
C SER A 157 20.07 10.24 5.08
N ALA A 158 21.10 10.03 5.90
CA ALA A 158 21.04 9.10 7.02
C ALA A 158 19.97 9.51 8.03
N LEU A 159 19.89 10.81 8.27
CA LEU A 159 18.88 11.35 9.18
C LEU A 159 17.46 11.28 8.61
N LEU A 160 17.31 11.55 7.31
CA LEU A 160 16.01 11.50 6.64
C LEU A 160 15.43 10.09 6.74
N GLU A 161 16.29 9.10 6.51
CA GLU A 161 15.89 7.71 6.59
C GLU A 161 15.36 7.43 7.97
N LYS A 162 16.14 7.81 8.98
CA LYS A 162 15.74 7.62 10.36
C LYS A 162 14.34 8.20 10.62
N ALA A 163 14.10 9.41 10.15
CA ALA A 163 12.80 10.04 10.32
C ALA A 163 11.68 9.20 9.73
N TYR A 164 11.91 8.70 8.51
CA TYR A 164 10.93 7.85 7.85
C TYR A 164 10.77 6.52 8.55
N ALA A 165 11.86 6.00 9.13
CA ALA A 165 11.78 4.80 9.95
C ALA A 165 10.89 5.06 11.16
N LYS A 166 11.03 6.21 11.80
CA LYS A 166 10.19 6.54 12.93
C LYS A 166 8.73 6.58 12.52
N LEU A 167 8.47 7.19 11.38
CA LEU A 167 7.13 7.26 10.84
C LEU A 167 6.48 5.88 10.66
N HIS A 168 7.30 4.85 10.45
CA HIS A 168 6.83 3.47 10.31
C HIS A 168 7.09 2.57 11.54
N GLY A 169 7.56 3.17 12.63
CA GLY A 169 7.70 2.44 13.90
C GLY A 169 9.03 1.76 14.15
N SER A 170 9.75 1.42 13.08
CA SER A 170 11.06 0.76 13.16
C SER A 170 11.81 0.82 11.83
N TYR A 171 13.14 0.69 11.91
CA TYR A 171 13.94 0.44 10.72
C TYR A 171 13.47 -0.82 9.98
N GLU A 172 13.20 -1.91 10.72
CA GLU A 172 12.78 -3.19 10.14
C GLU A 172 11.52 -3.05 9.26
N ALA A 173 10.62 -2.16 9.68
CA ALA A 173 9.38 -1.87 8.97
C ALA A 173 9.57 -1.35 7.53
N LEU A 174 10.79 -0.97 7.21
CA LEU A 174 11.05 -0.47 5.87
C LEU A 174 11.45 -1.54 4.88
N LYS A 175 11.79 -2.71 5.41
CA LYS A 175 12.24 -3.84 4.61
C LYS A 175 11.44 -4.12 3.36
N GLY A 176 10.18 -3.76 3.34
CA GLY A 176 9.38 -4.00 2.16
C GLY A 176 8.62 -2.76 1.76
N GLY A 177 8.13 -2.68 0.52
CA GLY A 177 7.36 -1.50 0.16
C GLY A 177 7.34 -1.17 -1.31
N ASN A 178 6.53 -0.17 -1.66
CA ASN A 178 6.46 0.31 -3.03
C ASN A 178 6.90 1.76 -3.13
N THR A 179 7.70 2.04 -4.15
CA THR A 179 8.25 3.35 -4.36
C THR A 179 7.19 4.42 -4.38
N THR A 180 6.07 4.11 -5.03
CA THR A 180 4.98 5.05 -5.13
C THR A 180 4.46 5.55 -3.78
N GLU A 181 4.56 4.73 -2.75
CA GLU A 181 4.19 5.15 -1.40
C GLU A 181 5.06 6.32 -0.95
N ALA A 182 6.39 6.19 -1.13
CA ALA A 182 7.33 7.24 -0.74
C ALA A 182 7.20 8.50 -1.60
N MET A 183 6.98 8.31 -2.90
CA MET A 183 6.80 9.41 -3.85
C MET A 183 5.65 10.29 -3.41
N GLU A 184 4.53 9.67 -3.07
CA GLU A 184 3.36 10.40 -2.60
C GLU A 184 3.63 11.07 -1.25
N ASP A 185 4.33 10.38 -0.35
CA ASP A 185 4.75 10.96 0.94
C ASP A 185 5.69 12.18 0.82
N PHE A 186 6.37 12.31 -0.31
CA PHE A 186 7.26 13.45 -0.58
C PHE A 186 6.62 14.58 -1.37
N THR A 187 5.58 14.28 -2.14
CA THR A 187 5.02 15.26 -3.08
C THR A 187 3.56 15.58 -2.87
N GLY A 188 2.77 14.60 -2.41
CA GLY A 188 1.32 14.72 -2.40
C GLY A 188 0.72 14.65 -3.79
N GLY A 189 1.48 14.07 -4.72
CA GLY A 189 1.00 13.83 -6.07
C GLY A 189 0.22 12.53 -6.18
N VAL A 190 -0.12 12.16 -7.41
CA VAL A 190 -0.95 10.98 -7.70
C VAL A 190 -0.15 9.96 -8.52
N ALA A 191 0.02 8.77 -7.96
CA ALA A 191 0.78 7.70 -8.59
C ALA A 191 0.03 7.00 -9.73
N GLU A 192 0.77 6.59 -10.76
CA GLU A 192 0.25 5.80 -11.89
C GLU A 192 1.22 4.67 -12.18
N PHE A 193 0.72 3.50 -12.57
CA PHE A 193 1.61 2.42 -12.99
C PHE A 193 1.40 1.99 -14.45
N PHE A 194 2.48 1.62 -15.10
CA PHE A 194 2.46 1.01 -16.41
C PHE A 194 3.12 -0.36 -16.35
N GLU A 195 2.44 -1.34 -16.89
CA GLU A 195 3.06 -2.64 -17.19
C GLU A 195 3.58 -2.48 -18.62
N ILE A 196 4.85 -2.71 -18.82
CA ILE A 196 5.53 -2.42 -20.05
C ILE A 196 4.88 -2.89 -21.36
N ARG A 197 4.42 -4.15 -21.44
CA ARG A 197 3.76 -4.58 -22.69
C ARG A 197 2.46 -3.80 -22.98
N ASP A 198 1.70 -3.55 -21.94
CA ASP A 198 0.42 -2.83 -22.04
C ASP A 198 0.61 -1.31 -22.22
N ALA A 199 1.84 -0.80 -21.95
CA ALA A 199 2.25 0.52 -22.37
C ALA A 199 2.21 0.65 -23.90
N PRO A 200 1.55 1.72 -24.40
CA PRO A 200 1.53 2.05 -25.82
C PRO A 200 2.92 2.37 -26.40
N SER A 201 3.00 2.35 -27.72
CA SER A 201 4.21 2.56 -28.50
C SER A 201 4.91 3.90 -28.28
N ASP A 202 4.19 4.90 -27.77
CA ASP A 202 4.73 6.26 -27.56
C ASP A 202 5.24 6.53 -26.12
N MET A 203 5.44 5.45 -25.38
CA MET A 203 5.91 5.48 -24.01
C MET A 203 7.13 6.34 -23.80
N TYR A 204 8.12 6.27 -24.71
CA TYR A 204 9.31 7.11 -24.61
C TYR A 204 8.90 8.57 -24.42
N LYS A 205 7.97 8.99 -25.25
CA LYS A 205 7.45 10.34 -25.24
C LYS A 205 6.74 10.64 -23.93
N ILE A 206 5.95 9.68 -23.43
CA ILE A 206 5.23 9.82 -22.15
C ILE A 206 6.22 10.03 -20.99
N MET A 207 7.25 9.18 -20.93
CA MET A 207 8.31 9.28 -19.93
C MET A 207 8.99 10.65 -20.01
N LYS A 208 9.35 11.03 -21.23
CA LYS A 208 9.98 12.32 -21.48
C LYS A 208 9.15 13.49 -20.97
N LYS A 209 7.84 13.51 -21.27
CA LYS A 209 6.95 14.56 -20.77
C LYS A 209 6.94 14.62 -19.25
N ALA A 210 6.88 13.45 -18.61
CA ALA A 210 6.88 13.33 -17.15
C ALA A 210 8.14 13.93 -16.49
N ILE A 211 9.29 13.58 -17.02
CA ILE A 211 10.56 14.02 -16.47
C ILE A 211 10.61 15.53 -16.43
N GLU A 212 10.47 16.15 -17.58
CA GLU A 212 10.55 17.61 -17.63
C GLU A 212 9.50 18.26 -16.77
N ARG A 213 8.31 17.70 -16.70
CA ARG A 213 7.30 18.29 -15.81
C ARG A 213 7.72 18.27 -14.34
N GLY A 214 8.83 17.59 -14.07
CA GLY A 214 9.37 17.47 -12.71
C GLY A 214 8.77 16.31 -11.91
N SER A 215 7.98 15.48 -12.59
CA SER A 215 7.37 14.32 -11.98
C SER A 215 8.42 13.24 -11.71
N LEU A 216 8.21 12.47 -10.65
CA LEU A 216 9.18 11.47 -10.22
C LEU A 216 8.88 10.12 -10.90
N MET A 217 9.93 9.42 -11.30
CA MET A 217 9.80 8.15 -12.01
C MET A 217 10.71 7.02 -11.52
N GLY A 218 10.08 5.92 -11.13
CA GLY A 218 10.78 4.71 -10.72
C GLY A 218 10.43 3.52 -11.62
N CYS A 219 11.23 2.48 -11.55
CA CYS A 219 10.96 1.27 -12.33
C CYS A 219 11.57 0.05 -11.67
N SER A 220 11.12 -1.13 -12.08
CA SER A 220 11.55 -2.37 -11.48
C SER A 220 11.44 -3.57 -12.40
N ILE A 221 12.22 -4.61 -12.10
CA ILE A 221 12.22 -5.85 -12.87
C ILE A 221 11.63 -6.95 -12.00
N ASP A 222 10.51 -7.52 -12.44
CA ASP A 222 9.69 -8.33 -11.55
C ASP A 222 10.40 -9.60 -11.04
N ASP A 223 10.07 -9.92 -9.80
CA ASP A 223 10.59 -11.10 -9.11
C ASP A 223 9.50 -12.17 -9.02
N GLY A 224 8.46 -12.07 -9.85
CA GLY A 224 7.31 -12.97 -9.82
C GLY A 224 6.22 -12.50 -8.89
N THR A 279 26.58 -8.53 -8.46
CA THR A 279 25.39 -8.45 -9.32
C THR A 279 24.35 -9.55 -9.08
N ARG A 280 23.08 -9.28 -9.39
CA ARG A 280 22.08 -10.34 -9.41
C ARG A 280 21.97 -11.00 -10.79
N MET A 281 21.77 -10.22 -11.85
CA MET A 281 21.73 -10.76 -13.21
C MET A 281 23.04 -10.59 -13.98
N ALA A 282 23.23 -11.45 -14.99
CA ALA A 282 24.40 -11.41 -15.87
C ALA A 282 24.63 -10.03 -16.49
N CYS A 283 23.54 -9.39 -16.90
CA CYS A 283 23.55 -8.10 -17.57
C CYS A 283 23.78 -6.85 -16.70
N GLY A 284 23.94 -7.05 -15.39
CA GLY A 284 24.24 -5.94 -14.46
C GLY A 284 23.04 -5.40 -13.72
N LEU A 285 21.84 -5.74 -14.17
CA LEU A 285 20.61 -5.34 -13.52
C LEU A 285 20.27 -6.22 -12.30
N VAL A 286 19.43 -5.69 -11.42
CA VAL A 286 18.97 -6.41 -10.23
C VAL A 286 17.45 -6.55 -10.29
N ARG A 287 16.96 -7.75 -10.03
CA ARG A 287 15.52 -8.04 -10.03
C ARG A 287 14.89 -7.71 -8.66
N GLY A 288 13.61 -7.37 -8.72
CA GLY A 288 12.85 -7.05 -7.53
C GLY A 288 13.54 -6.02 -6.69
N HIS A 289 14.14 -5.06 -7.36
CA HIS A 289 14.86 -4.00 -6.69
C HIS A 289 14.60 -2.78 -7.50
N ALA A 290 14.15 -1.71 -6.85
CA ALA A 290 13.75 -0.49 -7.54
C ALA A 290 14.88 0.39 -8.07
N TYR A 291 14.62 1.05 -9.17
CA TYR A 291 15.57 1.91 -9.85
C TYR A 291 14.96 3.31 -10.01
N SER A 292 15.81 4.33 -10.03
CA SER A 292 15.38 5.69 -10.29
C SER A 292 15.60 6.02 -11.76
N VAL A 293 14.59 6.60 -12.40
CA VAL A 293 14.74 7.09 -13.76
C VAL A 293 15.19 8.55 -13.69
N THR A 294 16.37 8.81 -14.22
CA THR A 294 17.01 10.12 -14.05
C THR A 294 17.29 10.86 -15.34
N GLY A 295 16.97 10.25 -16.48
CA GLY A 295 17.15 10.93 -17.76
C GLY A 295 16.59 10.22 -18.97
N LEU A 296 16.21 10.99 -19.98
CA LEU A 296 15.82 10.46 -21.30
C LEU A 296 16.34 11.39 -22.38
N ASP A 297 16.94 10.81 -23.42
CA ASP A 297 17.53 11.60 -24.47
C ASP A 297 17.70 10.84 -25.77
N GLU A 298 17.91 11.60 -26.85
CA GLU A 298 18.23 11.06 -28.16
C GLU A 298 19.65 11.47 -28.50
N VAL A 299 20.43 10.53 -28.99
CA VAL A 299 21.79 10.80 -29.48
C VAL A 299 21.85 10.44 -30.96
N PRO A 300 22.47 11.27 -31.80
CA PRO A 300 22.78 10.83 -33.16
C PRO A 300 23.99 9.89 -33.14
N PHE A 301 23.79 8.64 -33.57
CA PHE A 301 24.87 7.62 -33.53
C PHE A 301 24.93 6.87 -34.86
N LYS A 302 26.11 6.90 -35.48
CA LYS A 302 26.35 6.26 -36.78
C LYS A 302 25.24 6.57 -37.80
N GLY A 303 24.94 7.86 -37.93
CA GLY A 303 23.96 8.34 -38.90
C GLY A 303 22.50 8.18 -38.54
N GLU A 304 22.21 7.78 -37.30
CA GLU A 304 20.80 7.55 -36.88
C GLU A 304 20.60 8.00 -35.42
N LYS A 305 19.39 8.47 -35.09
CA LYS A 305 19.10 8.95 -33.74
C LYS A 305 18.57 7.81 -32.84
N VAL A 306 19.26 7.62 -31.71
CA VAL A 306 19.05 6.50 -30.80
C VAL A 306 18.45 7.02 -29.49
N LYS A 307 17.28 6.50 -29.14
CA LYS A 307 16.58 6.85 -27.89
C LYS A 307 17.23 6.15 -26.70
N LEU A 308 17.50 6.93 -25.66
CA LEU A 308 18.20 6.44 -24.47
C LEU A 308 17.44 6.71 -23.18
N VAL A 309 17.69 5.87 -22.17
CA VAL A 309 17.11 6.00 -20.83
C VAL A 309 18.25 5.92 -19.81
N ARG A 310 18.27 6.86 -18.85
CA ARG A 310 19.25 6.83 -17.76
C ARG A 310 18.61 6.39 -16.44
N LEU A 311 19.29 5.44 -15.78
CA LEU A 311 18.79 4.87 -14.54
C LEU A 311 19.85 4.91 -13.43
N ARG A 312 19.38 4.89 -12.18
CA ARG A 312 20.26 4.85 -11.01
C ARG A 312 19.86 3.78 -10.00
N ASN A 313 20.79 2.88 -9.72
CA ASN A 313 20.64 1.89 -8.65
C ASN A 313 20.95 2.54 -7.31
N PRO A 314 19.96 2.64 -6.41
CA PRO A 314 20.28 3.21 -5.11
C PRO A 314 21.36 2.46 -4.34
N TRP A 315 21.97 1.42 -4.89
CA TRP A 315 23.05 0.74 -4.19
C TRP A 315 24.26 1.54 -4.48
N GLY A 316 24.19 2.22 -5.60
CA GLY A 316 25.26 3.07 -6.08
C GLY A 316 26.52 2.31 -6.45
N GLN A 317 26.41 1.00 -6.56
CA GLN A 317 27.56 0.17 -6.84
C GLN A 317 27.47 -0.71 -8.08
N VAL A 318 26.29 -1.14 -8.48
CA VAL A 318 26.23 -2.09 -9.58
C VAL A 318 25.38 -1.60 -10.74
N GLU A 319 25.95 -1.58 -11.93
CA GLU A 319 25.20 -1.10 -13.09
C GLU A 319 25.22 -2.03 -14.28
N TRP A 320 24.39 -1.69 -15.26
CA TRP A 320 24.27 -2.36 -16.56
C TRP A 320 25.61 -2.39 -17.25
N ASN A 321 25.87 -3.53 -17.87
CA ASN A 321 27.16 -3.76 -18.54
C ASN A 321 27.01 -3.93 -20.06
N GLY A 322 25.81 -3.65 -20.58
CA GLY A 322 25.53 -3.87 -22.00
C GLY A 322 25.82 -2.60 -22.79
N SER A 323 25.06 -2.45 -23.89
CA SER A 323 25.15 -1.28 -24.77
C SER A 323 24.85 0.02 -24.04
N TRP A 324 25.68 1.04 -24.31
CA TRP A 324 25.57 2.38 -23.68
C TRP A 324 25.97 2.47 -22.22
N SER A 325 26.38 1.35 -21.64
CA SER A 325 26.98 1.32 -20.30
C SER A 325 28.27 2.13 -20.27
N ASP A 326 28.79 2.36 -19.08
CA ASP A 326 29.97 3.22 -18.87
C ASP A 326 31.16 2.84 -19.78
N ARG A 327 31.53 1.56 -19.79
CA ARG A 327 32.74 1.11 -20.47
C ARG A 327 32.53 0.60 -21.92
N TRP A 328 31.35 0.83 -22.48
CA TRP A 328 31.01 0.47 -23.85
C TRP A 328 31.93 1.14 -24.84
N LYS A 329 32.53 0.35 -25.72
CA LYS A 329 33.54 0.88 -26.64
C LYS A 329 33.00 1.79 -27.73
N ASP A 330 31.75 1.59 -28.16
CA ASP A 330 31.26 2.45 -29.25
C ASP A 330 30.92 3.87 -28.79
N TRP A 331 31.18 4.16 -27.51
CA TRP A 331 31.15 5.54 -27.02
C TRP A 331 32.10 6.40 -27.87
N SER A 332 33.17 5.80 -28.38
CA SER A 332 34.08 6.42 -29.33
C SER A 332 33.42 7.11 -30.54
N PHE A 333 32.30 6.56 -31.04
CA PHE A 333 31.69 7.24 -32.21
C PHE A 333 30.71 8.36 -31.89
N VAL A 334 30.97 9.10 -30.83
CA VAL A 334 30.11 10.24 -30.43
C VAL A 334 30.99 11.45 -30.23
N ASP A 335 30.43 12.64 -30.42
CA ASP A 335 31.19 13.89 -30.26
C ASP A 335 31.18 14.34 -28.81
N LYS A 336 32.08 15.24 -28.50
CA LYS A 336 32.20 15.79 -27.13
C LYS A 336 30.88 16.36 -26.63
N ASP A 337 30.22 17.15 -27.48
CA ASP A 337 28.97 17.81 -27.15
C ASP A 337 27.96 16.89 -26.52
N GLU A 338 27.55 15.88 -27.25
CA GLU A 338 26.57 14.92 -26.76
C GLU A 338 27.03 14.34 -25.44
N LYS A 339 28.27 13.83 -25.43
CA LYS A 339 28.85 13.22 -24.24
C LYS A 339 28.78 14.20 -23.11
N ALA A 340 29.29 15.40 -23.34
CA ALA A 340 29.18 16.47 -22.34
C ALA A 340 27.70 16.73 -21.94
N ARG A 341 26.81 16.76 -22.93
CA ARG A 341 25.38 16.99 -22.72
C ARG A 341 24.74 15.88 -21.91
N LEU A 342 25.19 14.65 -22.16
CA LEU A 342 24.66 13.47 -21.48
C LEU A 342 25.40 13.22 -20.17
N GLN A 343 26.36 14.10 -19.86
CA GLN A 343 27.24 14.01 -18.68
C GLN A 343 27.88 12.62 -18.57
N HIS A 344 28.33 12.07 -19.70
CA HIS A 344 28.87 10.72 -19.74
C HIS A 344 30.21 10.66 -19.02
N GLN A 345 30.32 9.68 -18.13
CA GLN A 345 31.46 9.47 -17.25
C GLN A 345 31.61 7.99 -16.91
N VAL A 346 32.84 7.51 -16.91
CA VAL A 346 33.13 6.15 -16.45
C VAL A 346 33.35 6.21 -14.94
N THR A 347 32.27 5.97 -14.21
CA THR A 347 32.23 6.11 -12.76
C THR A 347 31.29 5.04 -12.18
N GLU A 348 31.80 4.27 -11.23
CA GLU A 348 31.00 3.24 -10.62
C GLU A 348 30.10 3.90 -9.61
N ASP A 349 29.25 4.77 -10.07
CA ASP A 349 28.35 5.54 -9.20
C ASP A 349 26.97 4.92 -9.02
N GLY A 350 26.58 3.97 -9.85
CA GLY A 350 25.26 3.35 -9.73
C GLY A 350 24.29 3.86 -10.79
N GLU A 351 24.76 4.84 -11.54
CA GLU A 351 24.03 5.47 -12.64
C GLU A 351 24.62 5.10 -13.99
N PHE A 352 23.74 4.92 -14.98
CA PHE A 352 24.16 4.47 -16.31
C PHE A 352 23.08 4.75 -17.35
N TRP A 353 23.52 4.87 -18.61
CA TRP A 353 22.62 4.95 -19.75
C TRP A 353 22.36 3.56 -20.30
N MET A 354 21.18 3.36 -20.86
CA MET A 354 20.86 2.18 -21.66
C MET A 354 19.91 2.59 -22.80
N SER A 355 19.89 1.79 -23.86
CA SER A 355 18.98 2.02 -24.99
C SER A 355 17.52 1.86 -24.55
N TYR A 356 16.63 2.64 -25.17
CA TYR A 356 15.20 2.51 -24.89
C TYR A 356 14.71 1.10 -25.16
N GLU A 357 15.21 0.49 -26.24
CA GLU A 357 14.84 -0.86 -26.64
C GLU A 357 15.19 -1.90 -25.57
N ASP A 358 16.43 -1.87 -25.05
CA ASP A 358 16.82 -2.78 -23.98
C ASP A 358 16.02 -2.51 -22.71
N PHE A 359 15.75 -1.24 -22.42
CA PHE A 359 14.98 -0.87 -21.23
C PHE A 359 13.62 -1.54 -21.25
N ILE A 360 12.89 -1.35 -22.34
CA ILE A 360 11.54 -1.93 -22.50
C ILE A 360 11.58 -3.46 -22.46
N TYR A 361 12.67 -4.01 -23.02
CA TYR A 361 12.90 -5.45 -23.06
C TYR A 361 13.11 -6.08 -21.69
N HIS A 362 13.84 -5.42 -20.81
CA HIS A 362 14.20 -5.99 -19.49
C HIS A 362 13.25 -5.61 -18.37
N PHE A 363 12.82 -4.36 -18.31
CA PHE A 363 12.00 -3.89 -17.21
C PHE A 363 10.55 -4.22 -17.43
N THR A 364 9.83 -4.43 -16.33
CA THR A 364 8.46 -4.94 -16.34
C THR A 364 7.45 -3.97 -15.74
N LYS A 365 7.91 -3.09 -14.84
CA LYS A 365 7.02 -2.13 -14.21
C LYS A 365 7.62 -0.73 -14.22
N LEU A 366 6.78 0.26 -14.53
CA LEU A 366 7.15 1.68 -14.51
C LEU A 366 6.13 2.49 -13.72
N GLU A 367 6.64 3.25 -12.76
CA GLU A 367 5.77 4.01 -11.90
C GLU A 367 6.08 5.49 -12.02
N ILE A 368 5.02 6.29 -12.13
CA ILE A 368 5.14 7.74 -12.20
C ILE A 368 4.27 8.38 -11.13
N CYS A 369 4.81 9.36 -10.41
CA CYS A 369 4.02 10.15 -9.50
C CYS A 369 3.90 11.56 -10.06
N ASN A 370 2.69 11.88 -10.50
CA ASN A 370 2.39 13.12 -11.20
C ASN A 370 1.96 14.21 -10.21
N LEU A 371 2.58 15.37 -10.36
CA LEU A 371 2.62 16.38 -9.32
C LEU A 371 1.26 17.04 -9.25
N THR A 372 0.90 17.46 -8.03
CA THR A 372 -0.50 17.72 -7.72
C THR A 372 -0.93 19.12 -8.18
N GLU B 13 7.42 50.31 0.07
CA GLU B 13 5.96 50.04 -0.16
C GLU B 13 5.70 48.60 -0.61
N LYS B 14 6.28 48.24 -1.75
CA LYS B 14 5.88 47.00 -2.41
C LYS B 14 6.65 45.84 -1.79
N THR B 15 6.04 44.66 -1.67
CA THR B 15 6.70 43.48 -1.12
C THR B 15 6.72 42.39 -2.16
N PHE B 16 7.74 41.54 -2.11
CA PHE B 16 7.89 40.45 -3.07
C PHE B 16 6.59 39.66 -3.17
N GLU B 17 6.04 39.33 -2.01
CA GLU B 17 4.81 38.58 -1.94
C GLU B 17 3.70 39.35 -2.63
N GLN B 18 3.60 40.65 -2.31
CA GLN B 18 2.58 41.49 -2.90
C GLN B 18 2.62 41.41 -4.43
N LEU B 19 3.80 41.71 -4.97
CA LEU B 19 4.02 41.82 -6.39
C LEU B 19 3.90 40.47 -7.07
N HIS B 20 4.44 39.42 -6.47
CA HIS B 20 4.31 38.06 -6.99
C HIS B 20 2.84 37.67 -7.20
N LYS B 21 2.05 37.83 -6.15
CA LYS B 21 0.62 37.48 -6.16
C LYS B 21 -0.12 38.30 -7.24
N LYS B 22 0.18 39.61 -7.29
CA LYS B 22 -0.43 40.52 -8.25
C LYS B 22 -0.23 40.03 -9.69
N CYS B 23 1.01 39.72 -10.03
CA CYS B 23 1.38 39.28 -11.37
C CYS B 23 0.75 37.95 -11.74
N LEU B 24 0.65 37.06 -10.76
CA LEU B 24 0.03 35.74 -10.94
C LEU B 24 -1.45 35.84 -11.25
N GLU B 25 -2.15 36.76 -10.58
CA GLU B 25 -3.59 36.94 -10.79
C GLU B 25 -3.89 37.67 -12.10
N LYS B 26 -3.01 38.60 -12.48
CA LYS B 26 -3.13 39.28 -13.77
C LYS B 26 -2.52 38.49 -14.94
N LYS B 27 -1.93 37.33 -14.64
CA LYS B 27 -1.32 36.40 -15.64
C LYS B 27 -0.32 37.11 -16.57
N VAL B 28 0.47 38.00 -15.97
CA VAL B 28 1.46 38.84 -16.65
C VAL B 28 2.83 38.62 -16.00
N LEU B 29 3.89 38.76 -16.80
CA LEU B 29 5.25 38.64 -16.28
C LEU B 29 5.77 40.00 -15.80
N TYR B 30 6.40 40.00 -14.64
CA TYR B 30 6.88 41.21 -13.98
C TYR B 30 7.95 41.93 -14.81
N VAL B 31 7.88 43.27 -14.82
CA VAL B 31 8.90 44.13 -15.39
C VAL B 31 9.27 45.12 -14.28
N ASP B 32 10.56 45.21 -13.96
CA ASP B 32 11.05 46.05 -12.87
C ASP B 32 11.16 47.52 -13.29
N PRO B 33 10.35 48.39 -12.67
CA PRO B 33 10.42 49.82 -12.97
C PRO B 33 11.77 50.44 -12.59
N GLU B 34 12.31 50.09 -11.44
CA GLU B 34 13.52 50.74 -10.90
C GLU B 34 14.82 50.20 -11.49
N PHE B 35 14.80 48.98 -12.03
CA PHE B 35 15.95 48.39 -12.71
C PHE B 35 15.50 47.72 -14.01
N PRO B 36 15.14 48.53 -15.02
CA PRO B 36 14.50 48.03 -16.25
C PRO B 36 15.47 47.35 -17.22
N PRO B 37 14.96 46.43 -18.07
CA PRO B 37 15.80 45.77 -19.07
C PRO B 37 16.17 46.69 -20.24
N ASP B 38 17.14 47.58 -20.01
CA ASP B 38 17.69 48.48 -21.03
C ASP B 38 19.12 48.88 -20.67
N GLU B 39 19.69 49.79 -21.47
CA GLU B 39 21.11 50.14 -21.32
C GLU B 39 21.47 50.88 -20.03
N THR B 40 20.47 51.49 -19.39
CA THR B 40 20.68 52.21 -18.11
C THR B 40 21.09 51.27 -16.97
N SER B 41 20.54 50.05 -16.99
CA SER B 41 20.88 49.03 -16.00
C SER B 41 22.25 48.39 -16.27
N LEU B 42 22.72 48.51 -17.51
CA LEU B 42 23.99 47.91 -17.92
C LEU B 42 25.19 48.76 -17.54
N PHE B 43 25.15 50.03 -17.91
CA PHE B 43 26.27 50.92 -17.67
C PHE B 43 25.79 52.33 -17.33
N TYR B 44 26.69 53.10 -16.74
CA TYR B 44 26.52 54.53 -16.56
C TYR B 44 27.47 55.33 -17.44
N SER B 45 28.74 54.95 -17.50
CA SER B 45 29.75 55.74 -18.18
C SER B 45 30.18 55.09 -19.48
N GLN B 46 30.88 53.95 -19.38
CA GLN B 46 31.41 53.29 -20.52
C GLN B 46 30.40 52.31 -21.09
N LYS B 47 30.24 52.38 -22.41
CA LYS B 47 29.28 51.54 -23.13
C LYS B 47 29.92 50.20 -23.50
N PHE B 48 29.15 49.14 -23.37
CA PHE B 48 29.55 47.81 -23.85
C PHE B 48 29.26 47.86 -25.35
N PRO B 49 30.26 47.51 -26.19
CA PRO B 49 30.15 47.88 -27.62
C PRO B 49 29.09 47.09 -28.37
N ILE B 50 29.02 45.79 -28.13
CA ILE B 50 28.03 44.91 -28.70
C ILE B 50 26.66 45.16 -28.08
N GLN B 51 25.65 45.32 -28.94
CA GLN B 51 24.28 45.52 -28.47
C GLN B 51 23.63 44.23 -27.93
N PHE B 52 23.26 44.31 -26.66
CA PHE B 52 22.68 43.18 -25.95
C PHE B 52 21.18 43.06 -26.09
N VAL B 53 20.70 41.81 -26.13
CA VAL B 53 19.29 41.53 -26.07
C VAL B 53 18.95 41.04 -24.68
N TRP B 54 17.88 41.61 -24.12
CA TRP B 54 17.35 41.14 -22.85
C TRP B 54 16.36 40.02 -23.10
N LYS B 55 16.54 38.92 -22.38
CA LYS B 55 15.69 37.75 -22.53
C LYS B 55 15.52 37.06 -21.19
N ARG B 56 14.29 36.60 -20.95
CA ARG B 56 13.98 35.80 -19.77
C ARG B 56 14.40 34.33 -20.02
N PRO B 57 14.79 33.59 -18.95
CA PRO B 57 15.27 32.21 -19.19
C PRO B 57 14.32 31.24 -19.95
N PRO B 58 12.97 31.36 -19.81
CA PRO B 58 12.09 30.54 -20.66
C PRO B 58 12.22 30.81 -22.16
N GLU B 59 12.61 32.03 -22.51
CA GLU B 59 12.85 32.41 -23.90
C GLU B 59 14.21 31.91 -24.38
N ILE B 60 15.11 31.64 -23.46
CA ILE B 60 16.47 31.20 -23.80
C ILE B 60 16.56 29.69 -24.04
N CYS B 61 15.94 28.92 -23.16
CA CYS B 61 16.03 27.47 -23.26
C CYS B 61 14.66 26.81 -23.20
N GLU B 62 14.64 25.53 -23.56
CA GLU B 62 13.44 24.73 -23.54
C GLU B 62 12.82 24.61 -22.17
N ASN B 63 13.69 24.45 -21.18
CA ASN B 63 13.23 24.29 -19.82
C ASN B 63 14.26 24.81 -18.88
N PRO B 64 13.99 25.94 -18.26
CA PRO B 64 14.89 26.56 -17.32
C PRO B 64 14.72 25.92 -15.97
N ARG B 65 15.69 26.06 -15.12
CA ARG B 65 15.60 25.52 -13.78
C ARG B 65 16.24 26.47 -12.86
N PHE B 66 15.73 26.59 -11.65
CA PHE B 66 16.37 27.50 -10.73
C PHE B 66 17.64 26.85 -10.28
N ILE B 67 17.50 25.73 -9.59
CA ILE B 67 18.63 24.99 -9.09
C ILE B 67 18.62 23.55 -9.61
N ILE B 68 19.78 23.09 -10.06
CA ILE B 68 19.91 21.74 -10.57
C ILE B 68 20.99 21.04 -9.80
N ASP B 69 20.61 20.09 -8.96
CA ASP B 69 21.51 19.28 -8.11
C ASP B 69 22.37 20.12 -7.15
N GLY B 70 21.71 20.99 -6.40
CA GLY B 70 22.34 21.84 -5.41
C GLY B 70 22.93 23.11 -5.98
N ALA B 71 22.87 24.16 -5.18
CA ALA B 71 23.58 25.40 -5.48
C ALA B 71 24.99 25.16 -4.97
N ASN B 72 25.95 25.03 -5.88
CA ASN B 72 27.32 24.81 -5.48
C ASN B 72 28.26 25.59 -6.37
N ARG B 73 29.54 25.50 -6.06
CA ARG B 73 30.52 26.33 -6.72
C ARG B 73 30.62 26.14 -8.23
N THR B 74 30.37 24.94 -8.71
CA THR B 74 30.48 24.75 -10.15
C THR B 74 29.46 25.60 -10.89
N ASP B 75 28.48 26.15 -10.17
CA ASP B 75 27.44 26.95 -10.78
C ASP B 75 27.86 28.42 -10.98
N ILE B 76 29.05 28.78 -10.54
CA ILE B 76 29.51 30.16 -10.65
C ILE B 76 30.65 30.24 -11.64
N CYS B 77 30.35 30.84 -12.79
CA CYS B 77 31.35 31.01 -13.86
C CYS B 77 31.29 32.42 -14.42
N GLN B 78 32.40 33.15 -14.29
CA GLN B 78 32.47 34.55 -14.69
C GLN B 78 32.18 34.77 -16.16
N GLY B 79 31.49 35.86 -16.46
CA GLY B 79 31.22 36.26 -17.83
C GLY B 79 32.14 37.38 -18.25
N GLU B 80 31.65 38.26 -19.12
CA GLU B 80 32.45 39.36 -19.66
C GLU B 80 32.26 40.64 -18.84
N LEU B 81 32.55 40.50 -17.55
CA LEU B 81 32.55 41.59 -16.60
C LEU B 81 33.48 41.21 -15.49
N GLY B 82 34.35 42.13 -15.07
CA GLY B 82 35.35 41.82 -14.07
C GLY B 82 34.93 41.78 -12.61
N ASP B 83 33.87 41.04 -12.29
CA ASP B 83 33.42 40.94 -10.90
C ASP B 83 33.92 39.73 -10.10
N CYS B 84 35.21 39.45 -10.21
CA CYS B 84 35.76 38.30 -9.54
C CYS B 84 35.85 38.51 -8.05
N TRP B 85 35.44 39.65 -7.55
CA TRP B 85 35.58 39.88 -6.14
C TRP B 85 34.31 39.38 -5.50
N PHE B 86 33.25 39.45 -6.30
CA PHE B 86 31.92 39.08 -5.92
C PHE B 86 31.64 37.58 -6.06
N LEU B 87 32.08 37.02 -7.18
CA LEU B 87 31.84 35.63 -7.49
C LEU B 87 32.61 34.67 -6.58
N ALA B 88 33.83 35.03 -6.25
CA ALA B 88 34.65 34.27 -5.31
C ALA B 88 33.97 34.15 -3.94
N ALA B 89 33.27 35.20 -3.52
CA ALA B 89 32.54 35.18 -2.26
C ALA B 89 31.30 34.29 -2.29
N ILE B 90 30.58 34.28 -3.42
CA ILE B 90 29.46 33.36 -3.60
C ILE B 90 29.96 31.91 -3.48
N ALA B 91 31.07 31.63 -4.15
CA ALA B 91 31.66 30.30 -4.14
C ALA B 91 31.97 29.86 -2.72
N CYS B 92 32.64 30.74 -1.96
CA CYS B 92 32.94 30.49 -0.56
C CYS B 92 31.66 30.19 0.22
N LEU B 93 30.62 30.97 -0.05
CA LEU B 93 29.33 30.81 0.64
C LEU B 93 28.68 29.44 0.43
N THR B 94 28.85 28.84 -0.75
CA THR B 94 28.27 27.51 -1.02
C THR B 94 28.94 26.39 -0.20
N LEU B 95 30.10 26.68 0.38
CA LEU B 95 30.73 25.76 1.34
C LEU B 95 30.00 25.76 2.69
N ASN B 96 29.13 26.75 2.92
CA ASN B 96 28.25 26.76 4.09
C ASN B 96 26.77 26.86 3.69
N GLN B 97 26.18 25.68 3.42
CA GLN B 97 24.85 25.59 2.82
C GLN B 97 23.77 26.32 3.62
N HIS B 98 23.74 26.12 4.94
CA HIS B 98 22.70 26.76 5.76
C HIS B 98 22.75 28.28 5.65
N LEU B 99 23.97 28.83 5.61
CA LEU B 99 24.19 30.26 5.40
C LEU B 99 23.72 30.76 4.03
N LEU B 100 23.93 29.91 3.02
CA LEU B 100 23.54 30.20 1.64
C LEU B 100 22.03 30.45 1.48
N PHE B 101 21.23 29.74 2.26
CA PHE B 101 19.78 29.82 2.12
C PHE B 101 19.17 31.08 2.76
N ARG B 102 19.98 31.85 3.48
CA ARG B 102 19.58 33.16 3.99
C ARG B 102 19.59 34.19 2.86
N VAL B 103 20.56 34.02 1.96
CA VAL B 103 20.76 34.90 0.80
C VAL B 103 19.80 34.52 -0.32
N ILE B 104 19.68 33.22 -0.56
CA ILE B 104 18.79 32.72 -1.60
C ILE B 104 17.55 32.05 -0.99
N PRO B 105 16.38 32.71 -1.09
CA PRO B 105 15.14 32.05 -0.71
C PRO B 105 14.85 30.91 -1.67
N HIS B 106 14.62 29.75 -1.10
CA HIS B 106 14.62 28.46 -1.79
C HIS B 106 13.34 28.06 -2.52
N ASP B 107 12.23 28.69 -2.14
CA ASP B 107 10.93 28.43 -2.74
C ASP B 107 10.71 29.32 -3.97
N GLN B 108 11.56 29.13 -4.99
CA GLN B 108 11.44 29.87 -6.25
C GLN B 108 11.59 28.88 -7.40
N SER B 109 10.76 29.06 -8.44
CA SER B 109 10.70 28.09 -9.53
C SER B 109 10.28 28.68 -10.88
N PHE B 110 10.57 27.92 -11.92
CA PHE B 110 10.21 28.26 -13.29
C PHE B 110 9.04 27.42 -13.75
N ILE B 111 8.73 26.35 -13.03
CA ILE B 111 7.63 25.45 -13.41
C ILE B 111 6.42 25.62 -12.53
N GLU B 112 6.61 26.22 -11.35
CA GLU B 112 5.49 26.45 -10.45
C GLU B 112 5.34 27.91 -10.04
N ASN B 113 4.11 28.43 -10.23
CA ASN B 113 3.72 29.82 -9.94
C ASN B 113 4.69 30.85 -10.52
N TYR B 114 5.16 30.57 -11.75
CA TYR B 114 6.16 31.42 -12.40
C TYR B 114 5.53 32.70 -12.89
N ALA B 115 6.10 33.82 -12.46
CA ALA B 115 5.58 35.13 -12.84
C ALA B 115 6.68 36.12 -13.26
N GLY B 116 7.79 35.58 -13.74
CA GLY B 116 8.97 36.38 -14.13
C GLY B 116 9.53 37.30 -13.04
N ILE B 117 9.33 36.92 -11.78
CA ILE B 117 9.79 37.71 -10.63
C ILE B 117 10.52 36.81 -9.62
N PHE B 118 11.70 37.27 -9.19
CA PHE B 118 12.50 36.58 -8.20
C PHE B 118 13.05 37.56 -7.17
N HIS B 119 13.61 37.03 -6.07
CA HIS B 119 14.19 37.87 -5.01
C HIS B 119 15.32 37.23 -4.21
N PHE B 120 16.17 38.08 -3.64
CA PHE B 120 17.35 37.67 -2.86
C PHE B 120 17.53 38.57 -1.66
N GLN B 121 18.26 38.09 -0.67
CA GLN B 121 18.46 38.82 0.58
C GLN B 121 19.94 39.14 0.79
N PHE B 122 20.20 40.38 1.17
CA PHE B 122 21.54 40.81 1.53
C PHE B 122 21.56 41.52 2.88
N TRP B 123 22.71 41.42 3.56
CA TRP B 123 22.95 42.06 4.84
C TRP B 123 23.50 43.48 4.62
N ARG B 124 22.71 44.48 4.99
CA ARG B 124 23.04 45.88 4.77
C ARG B 124 22.71 46.72 6.00
N TYR B 125 23.75 47.39 6.50
CA TYR B 125 23.64 48.27 7.66
C TYR B 125 22.92 47.57 8.81
N GLY B 126 23.48 46.43 9.22
CA GLY B 126 22.97 45.65 10.37
C GLY B 126 21.63 44.92 10.23
N GLU B 127 21.14 44.73 9.01
CA GLU B 127 19.85 44.03 8.79
C GLU B 127 19.71 43.36 7.43
N TRP B 128 18.94 42.27 7.38
CA TRP B 128 18.56 41.63 6.13
C TRP B 128 17.60 42.49 5.33
N VAL B 129 17.97 42.77 4.08
CA VAL B 129 17.13 43.55 3.17
C VAL B 129 16.82 42.70 1.93
N ASP B 130 15.59 42.80 1.45
CA ASP B 130 15.14 41.98 0.34
C ASP B 130 15.24 42.79 -0.97
N VAL B 131 15.78 42.15 -2.01
CA VAL B 131 15.97 42.78 -3.32
C VAL B 131 15.14 42.04 -4.36
N VAL B 132 14.26 42.76 -5.05
CA VAL B 132 13.33 42.16 -6.02
C VAL B 132 13.77 42.45 -7.45
N ILE B 133 13.77 41.42 -8.30
CA ILE B 133 14.16 41.57 -9.70
C ILE B 133 13.16 40.92 -10.66
N ASP B 134 13.07 41.48 -11.87
CA ASP B 134 12.49 40.76 -13.00
C ASP B 134 13.56 39.82 -13.54
N ASP B 135 13.14 38.76 -14.23
CA ASP B 135 14.10 37.75 -14.69
C ASP B 135 14.71 38.00 -16.08
N CYS B 136 14.59 39.22 -16.59
CA CYS B 136 15.23 39.56 -17.86
C CYS B 136 16.73 39.63 -17.66
N LEU B 137 17.46 38.99 -18.55
CA LEU B 137 18.91 38.89 -18.42
C LEU B 137 19.58 39.26 -19.74
N PRO B 138 20.74 39.93 -19.68
CA PRO B 138 21.44 40.35 -20.89
C PRO B 138 22.06 39.17 -21.64
N THR B 139 21.81 39.10 -22.95
CA THR B 139 22.27 37.99 -23.79
C THR B 139 22.80 38.47 -25.13
N TYR B 140 23.55 37.60 -25.80
CA TYR B 140 23.98 37.82 -27.17
C TYR B 140 23.99 36.46 -27.83
N ASN B 141 23.44 36.40 -29.05
CA ASN B 141 23.22 35.15 -29.78
C ASN B 141 22.51 34.10 -28.91
N ASN B 142 21.52 34.59 -28.15
CA ASN B 142 20.72 33.78 -27.22
C ASN B 142 21.55 33.01 -26.19
N GLN B 143 22.66 33.60 -25.73
CA GLN B 143 23.46 33.06 -24.63
C GLN B 143 23.91 34.18 -23.70
N LEU B 144 24.02 33.85 -22.41
CA LEU B 144 24.33 34.83 -21.38
C LEU B 144 25.70 35.47 -21.58
N VAL B 145 25.77 36.77 -21.33
CA VAL B 145 27.04 37.48 -21.46
C VAL B 145 27.76 37.59 -20.14
N PHE B 146 27.01 37.60 -19.04
CA PHE B 146 27.58 37.74 -17.72
C PHE B 146 27.63 36.40 -17.01
N THR B 147 27.70 36.41 -15.69
CA THR B 147 27.83 35.17 -14.91
C THR B 147 26.76 34.17 -15.28
N LYS B 148 27.19 32.91 -15.37
CA LYS B 148 26.34 31.81 -15.79
C LYS B 148 26.73 30.57 -14.98
N SER B 149 25.84 29.59 -14.93
CA SER B 149 26.16 28.30 -14.34
C SER B 149 26.85 27.45 -15.37
N ASN B 150 27.65 26.48 -14.92
CA ASN B 150 28.27 25.55 -15.86
C ASN B 150 27.23 24.63 -16.50
N HIS B 151 26.09 24.42 -15.84
CA HIS B 151 24.98 23.70 -16.44
C HIS B 151 24.10 24.72 -17.16
N ARG B 152 23.85 24.46 -18.44
CA ARG B 152 23.14 25.40 -19.32
C ARG B 152 21.75 25.82 -18.83
N ASN B 153 21.10 24.95 -18.06
CA ASN B 153 19.74 25.24 -17.59
C ASN B 153 19.60 25.77 -16.17
N GLU B 154 20.70 26.06 -15.51
CA GLU B 154 20.65 26.53 -14.11
C GLU B 154 20.78 28.03 -14.13
N PHE B 155 19.86 28.75 -13.51
CA PHE B 155 19.90 30.23 -13.56
C PHE B 155 19.95 30.98 -12.25
N TRP B 156 20.06 30.28 -11.14
CA TRP B 156 20.10 30.95 -9.84
C TRP B 156 21.24 31.97 -9.73
N SER B 157 22.41 31.58 -10.23
CA SER B 157 23.60 32.40 -10.09
C SER B 157 23.54 33.65 -10.96
N ALA B 158 23.03 33.50 -12.18
CA ALA B 158 22.84 34.62 -13.10
C ALA B 158 21.87 35.66 -12.53
N LEU B 159 20.81 35.16 -11.88
CA LEU B 159 19.84 36.01 -11.24
C LEU B 159 20.38 36.71 -9.99
N LEU B 160 21.17 35.98 -9.19
CA LEU B 160 21.77 36.54 -7.98
C LEU B 160 22.68 37.72 -8.33
N GLU B 161 23.50 37.54 -9.36
CA GLU B 161 24.40 38.56 -9.86
C GLU B 161 23.60 39.80 -10.26
N LYS B 162 22.50 39.61 -10.99
CA LYS B 162 21.64 40.71 -11.39
C LYS B 162 21.15 41.48 -10.16
N ALA B 163 20.68 40.76 -9.14
CA ALA B 163 20.21 41.39 -7.92
C ALA B 163 21.28 42.26 -7.28
N TYR B 164 22.48 41.74 -7.20
CA TYR B 164 23.61 42.48 -6.64
C TYR B 164 23.99 43.67 -7.52
N ALA B 165 23.86 43.51 -8.84
CA ALA B 165 24.05 44.64 -9.75
C ALA B 165 23.02 45.72 -9.47
N LYS B 166 21.75 45.36 -9.29
CA LYS B 166 20.71 46.32 -8.93
C LYS B 166 21.05 47.06 -7.64
N LEU B 167 21.55 46.32 -6.65
CA LEU B 167 21.98 46.92 -5.40
C LEU B 167 23.05 47.98 -5.57
N HIS B 168 23.87 47.86 -6.61
CA HIS B 168 24.91 48.85 -6.93
C HIS B 168 24.59 49.78 -8.11
N GLY B 169 23.35 49.72 -8.60
CA GLY B 169 22.88 50.66 -9.62
C GLY B 169 23.10 50.26 -11.07
N SER B 170 24.08 49.40 -11.32
CA SER B 170 24.39 48.91 -12.68
C SER B 170 25.29 47.69 -12.65
N TYR B 171 25.26 46.91 -13.74
CA TYR B 171 26.28 45.87 -13.96
C TYR B 171 27.69 46.48 -13.95
N GLU B 172 27.86 47.61 -14.64
CA GLU B 172 29.19 48.28 -14.75
C GLU B 172 29.80 48.59 -13.38
N ALA B 173 28.93 48.95 -12.42
CA ALA B 173 29.34 49.27 -11.05
C ALA B 173 30.05 48.12 -10.32
N LEU B 174 29.92 46.90 -10.83
CA LEU B 174 30.55 45.74 -10.20
C LEU B 174 31.96 45.45 -10.71
N LYS B 175 32.43 46.26 -11.65
CA LYS B 175 33.73 46.07 -12.25
C LYS B 175 34.85 46.41 -11.31
N GLY B 176 35.24 45.44 -10.50
CA GLY B 176 36.33 45.65 -9.56
C GLY B 176 35.82 46.10 -8.20
N GLY B 177 36.41 45.52 -7.18
CA GLY B 177 36.03 45.84 -5.81
C GLY B 177 36.79 44.93 -4.86
N ASN B 178 36.38 44.93 -3.60
CA ASN B 178 37.03 44.10 -2.64
C ASN B 178 36.10 42.99 -2.19
N THR B 179 36.66 41.80 -2.05
CA THR B 179 35.88 40.66 -1.67
C THR B 179 35.17 40.85 -0.37
N THR B 180 35.94 41.26 0.63
CA THR B 180 35.46 41.42 2.00
C THR B 180 34.14 42.18 2.05
N GLU B 181 33.86 42.91 0.98
CA GLU B 181 32.60 43.60 0.85
C GLU B 181 31.44 42.62 0.69
N ALA B 182 31.57 41.72 -0.29
CA ALA B 182 30.54 40.73 -0.62
C ALA B 182 30.33 39.71 0.49
N MET B 183 31.42 39.26 1.14
CA MET B 183 31.31 38.33 2.25
C MET B 183 30.44 38.90 3.33
N GLU B 184 30.74 40.12 3.73
CA GLU B 184 29.96 40.78 4.77
C GLU B 184 28.49 40.97 4.34
N ASP B 185 28.28 41.30 3.07
CA ASP B 185 26.94 41.41 2.51
C ASP B 185 26.14 40.09 2.50
N PHE B 186 26.84 38.97 2.54
CA PHE B 186 26.20 37.64 2.57
C PHE B 186 26.03 37.06 3.97
N THR B 187 26.85 37.51 4.92
CA THR B 187 26.91 36.86 6.24
C THR B 187 26.61 37.78 7.41
N GLY B 188 26.99 39.05 7.29
CA GLY B 188 26.97 39.97 8.42
C GLY B 188 28.04 39.67 9.44
N GLY B 189 29.08 38.96 8.99
CA GLY B 189 30.25 38.69 9.80
C GLY B 189 31.25 39.85 9.73
N VAL B 190 32.40 39.62 10.37
CA VAL B 190 33.47 40.61 10.50
C VAL B 190 34.72 40.14 9.78
N ALA B 191 35.21 40.90 8.81
CA ALA B 191 36.40 40.43 8.07
C ALA B 191 37.71 40.80 8.72
N GLU B 192 38.69 39.89 8.69
CA GLU B 192 40.01 40.22 9.19
C GLU B 192 41.08 39.93 8.12
N PHE B 193 41.84 40.96 7.75
CA PHE B 193 42.86 40.86 6.73
C PHE B 193 44.16 40.16 7.16
N PHE B 194 44.83 39.51 6.23
CA PHE B 194 46.10 38.86 6.52
C PHE B 194 47.08 39.04 5.42
N GLU B 195 48.37 39.15 5.73
CA GLU B 195 49.40 39.28 4.70
C GLU B 195 50.30 38.09 4.82
N ILE B 196 50.60 37.42 3.71
CA ILE B 196 51.47 36.24 3.77
C ILE B 196 52.84 36.61 4.36
N ARG B 197 53.28 37.83 4.08
CA ARG B 197 54.46 38.43 4.68
C ARG B 197 54.55 38.28 6.22
N ASP B 198 53.50 38.81 6.84
CA ASP B 198 53.37 38.85 8.30
C ASP B 198 52.82 37.58 8.91
N ALA B 199 52.60 36.54 8.11
CA ALA B 199 51.89 35.34 8.56
C ALA B 199 52.65 34.61 9.65
N PRO B 200 51.98 34.32 10.79
CA PRO B 200 52.63 33.50 11.86
C PRO B 200 52.85 32.05 11.42
N SER B 201 53.71 31.33 12.14
CA SER B 201 54.11 29.97 11.76
C SER B 201 52.95 28.94 11.71
N ASP B 202 51.88 29.24 12.44
CA ASP B 202 50.73 28.36 12.63
C ASP B 202 49.54 28.71 11.74
N MET B 203 49.80 29.50 10.70
CA MET B 203 48.77 29.97 9.78
C MET B 203 47.89 28.86 9.23
N TYR B 204 48.51 27.79 8.80
CA TYR B 204 47.79 26.61 8.27
C TYR B 204 46.69 26.21 9.24
N LYS B 205 47.06 26.12 10.50
CA LYS B 205 46.15 25.75 11.57
C LYS B 205 45.01 26.79 11.69
N ILE B 206 45.35 28.08 11.60
CA ILE B 206 44.33 29.14 11.65
C ILE B 206 43.31 28.98 10.52
N MET B 207 43.82 28.86 9.31
CA MET B 207 42.99 28.66 8.11
C MET B 207 42.07 27.46 8.32
N LYS B 208 42.67 26.36 8.75
CA LYS B 208 41.93 25.14 9.03
C LYS B 208 40.78 25.35 10.03
N LYS B 209 41.05 26.03 11.14
CA LYS B 209 40.00 26.31 12.14
C LYS B 209 38.86 27.14 11.54
N ALA B 210 39.22 28.13 10.73
CA ALA B 210 38.26 29.01 10.06
C ALA B 210 37.31 28.25 9.11
N ILE B 211 37.87 27.38 8.29
CA ILE B 211 37.07 26.56 7.36
C ILE B 211 36.15 25.58 8.08
N GLU B 212 36.61 24.97 9.18
CA GLU B 212 35.75 24.09 9.96
C GLU B 212 34.56 24.87 10.49
N ARG B 213 34.83 26.08 10.93
CA ARG B 213 33.84 26.90 11.60
C ARG B 213 32.77 27.43 10.62
N GLY B 214 33.01 27.23 9.33
CA GLY B 214 32.12 27.69 8.28
C GLY B 214 32.37 29.12 7.83
N SER B 215 33.47 29.71 8.30
CA SER B 215 33.91 31.02 7.87
C SER B 215 34.40 31.00 6.42
N LEU B 216 34.21 32.08 5.71
CA LEU B 216 34.61 32.11 4.29
C LEU B 216 36.02 32.65 4.11
N MET B 217 36.75 32.07 3.16
CA MET B 217 38.12 32.54 2.89
C MET B 217 38.45 32.81 1.45
N GLY B 218 38.98 33.99 1.17
CA GLY B 218 39.38 34.38 -0.18
C GLY B 218 40.83 34.81 -0.16
N CYS B 219 41.50 34.77 -1.29
CA CYS B 219 42.89 35.21 -1.35
C CYS B 219 43.25 35.73 -2.70
N SER B 220 44.48 36.21 -2.85
CA SER B 220 44.93 36.78 -4.11
C SER B 220 46.43 36.86 -4.24
N ILE B 221 46.86 37.47 -5.32
CA ILE B 221 48.24 37.78 -5.57
C ILE B 221 48.31 39.26 -5.95
N ASP B 222 49.12 40.00 -5.21
CA ASP B 222 49.28 41.44 -5.45
C ASP B 222 49.82 41.77 -6.85
N ASP B 223 49.26 42.84 -7.40
CA ASP B 223 49.53 43.21 -8.80
C ASP B 223 50.52 44.36 -8.92
N GLY B 224 50.20 45.48 -8.29
CA GLY B 224 50.97 46.73 -8.40
C GLY B 224 50.15 47.97 -8.08
N THR B 225 50.75 49.12 -8.37
CA THR B 225 50.19 50.48 -8.10
C THR B 225 49.80 50.74 -6.64
N ARG B 280 47.46 34.58 -16.85
CA ARG B 280 48.43 35.63 -16.59
C ARG B 280 49.84 35.06 -16.38
N MET B 281 50.01 34.13 -15.43
CA MET B 281 51.36 33.65 -15.08
C MET B 281 51.68 32.28 -15.69
N ALA B 282 52.97 32.02 -15.86
CA ALA B 282 53.49 30.74 -16.36
C ALA B 282 52.94 29.54 -15.57
N CYS B 283 52.88 29.70 -14.25
CA CYS B 283 52.47 28.66 -13.31
C CYS B 283 50.94 28.36 -13.22
N GLY B 284 50.15 29.10 -13.97
CA GLY B 284 48.71 28.88 -14.03
C GLY B 284 47.88 29.81 -13.16
N LEU B 285 48.54 30.52 -12.25
CA LEU B 285 47.86 31.50 -11.40
C LEU B 285 47.61 32.84 -12.10
N VAL B 286 46.67 33.62 -11.57
CA VAL B 286 46.34 34.95 -12.10
C VAL B 286 46.58 35.99 -10.99
N ARG B 287 47.26 37.07 -11.36
CA ARG B 287 47.54 38.15 -10.38
C ARG B 287 46.41 39.15 -10.33
N GLY B 288 46.26 39.78 -9.17
CA GLY B 288 45.18 40.76 -8.98
C GLY B 288 43.85 40.10 -9.24
N HIS B 289 43.76 38.81 -8.97
CA HIS B 289 42.58 38.05 -9.20
C HIS B 289 42.21 37.31 -7.95
N ALA B 290 40.97 37.46 -7.52
CA ALA B 290 40.51 36.80 -6.32
C ALA B 290 40.32 35.31 -6.57
N TYR B 291 40.56 34.57 -5.51
CA TYR B 291 40.41 33.14 -5.50
C TYR B 291 39.58 32.74 -4.31
N SER B 292 39.02 31.54 -4.35
CA SER B 292 38.23 31.05 -3.23
C SER B 292 38.98 29.92 -2.61
N VAL B 293 39.12 29.98 -1.29
CA VAL B 293 39.74 28.87 -0.54
C VAL B 293 38.63 27.88 -0.19
N THR B 294 38.74 26.68 -0.74
CA THR B 294 37.69 25.67 -0.61
C THR B 294 38.05 24.44 0.21
N GLY B 295 39.31 24.29 0.54
CA GLY B 295 39.74 23.12 1.29
C GLY B 295 41.12 23.21 1.88
N LEU B 296 41.31 22.54 3.03
CA LEU B 296 42.63 22.33 3.62
C LEU B 296 42.71 20.89 4.15
N ASP B 297 43.81 20.23 3.83
CA ASP B 297 44.00 18.86 4.26
C ASP B 297 45.46 18.43 4.33
N GLU B 298 45.68 17.36 5.08
CA GLU B 298 46.98 16.71 5.16
C GLU B 298 46.87 15.36 4.49
N VAL B 299 47.83 15.07 3.61
CA VAL B 299 47.91 13.74 2.99
C VAL B 299 49.23 13.10 3.40
N PRO B 300 49.18 11.81 3.81
CA PRO B 300 50.43 11.07 3.94
C PRO B 300 50.97 10.69 2.57
N PHE B 301 52.17 11.20 2.23
CA PHE B 301 52.73 11.04 0.90
C PHE B 301 54.20 10.67 1.01
N LYS B 302 54.59 9.53 0.42
CA LYS B 302 55.98 9.08 0.40
C LYS B 302 56.61 9.13 1.81
N GLY B 303 55.89 8.56 2.76
CA GLY B 303 56.37 8.42 4.13
C GLY B 303 56.13 9.61 5.02
N GLU B 304 55.61 10.76 4.51
CA GLU B 304 55.26 11.83 5.46
C GLU B 304 54.03 12.61 5.10
N LYS B 305 53.55 13.39 6.07
CA LYS B 305 52.35 14.20 5.90
C LYS B 305 52.58 15.59 5.29
N VAL B 306 51.88 15.83 4.20
CA VAL B 306 52.02 17.03 3.39
C VAL B 306 50.75 17.88 3.53
N LYS B 307 50.92 19.12 4.00
CA LYS B 307 49.80 20.07 4.13
C LYS B 307 49.42 20.65 2.75
N LEU B 308 48.11 20.61 2.47
CA LEU B 308 47.58 21.05 1.18
C LEU B 308 46.50 22.12 1.32
N VAL B 309 46.37 22.94 0.27
CA VAL B 309 45.36 23.99 0.18
C VAL B 309 44.63 23.83 -1.16
N ARG B 310 43.29 23.86 -1.12
CA ARG B 310 42.48 23.83 -2.34
C ARG B 310 41.87 25.18 -2.66
N LEU B 311 41.97 25.56 -3.93
CA LEU B 311 41.46 26.84 -4.40
C LEU B 311 40.62 26.73 -5.64
N ARG B 312 39.70 27.67 -5.82
CA ARG B 312 38.85 27.72 -7.01
C ARG B 312 38.89 29.09 -7.62
N ASN B 313 39.11 29.15 -8.92
CA ASN B 313 39.17 30.41 -9.61
C ASN B 313 37.84 30.66 -10.35
N PRO B 314 37.08 31.66 -9.87
CA PRO B 314 35.81 32.14 -10.34
C PRO B 314 35.56 32.03 -11.83
N TRP B 315 36.60 32.10 -12.63
CA TRP B 315 36.46 31.93 -14.09
C TRP B 315 35.97 30.53 -14.43
N GLY B 316 36.37 29.60 -13.60
CA GLY B 316 36.05 28.20 -13.75
C GLY B 316 36.88 27.55 -14.83
N GLN B 317 37.99 28.18 -15.24
CA GLN B 317 38.74 27.55 -16.31
C GLN B 317 40.26 27.64 -16.31
N VAL B 318 40.87 28.40 -15.42
CA VAL B 318 42.34 28.44 -15.44
C VAL B 318 42.95 28.00 -14.12
N GLU B 319 43.80 26.98 -14.15
CA GLU B 319 44.32 26.47 -12.90
C GLU B 319 45.82 26.36 -12.84
N TRP B 320 46.31 26.16 -11.62
CA TRP B 320 47.69 25.83 -11.35
C TRP B 320 48.12 24.60 -12.13
N ASN B 321 49.34 24.64 -12.65
CA ASN B 321 49.91 23.55 -13.40
C ASN B 321 51.12 22.92 -12.70
N GLY B 322 51.39 23.31 -11.47
CA GLY B 322 52.57 22.81 -10.75
C GLY B 322 52.21 21.61 -9.90
N SER B 323 52.93 21.45 -8.78
CA SER B 323 52.76 20.27 -7.90
C SER B 323 51.38 20.19 -7.29
N TRP B 324 50.80 18.98 -7.28
CA TRP B 324 49.44 18.68 -6.76
C TRP B 324 48.31 19.19 -7.65
N SER B 325 48.63 19.83 -8.78
CA SER B 325 47.65 20.17 -9.80
C SER B 325 47.04 18.90 -10.38
N ASP B 326 45.98 19.07 -11.17
CA ASP B 326 45.19 17.95 -11.69
C ASP B 326 46.04 16.85 -12.35
N ARG B 327 46.90 17.23 -13.29
CA ARG B 327 47.62 16.24 -14.10
C ARG B 327 49.03 15.86 -13.59
N TRP B 328 49.37 16.33 -12.39
CA TRP B 328 50.66 16.05 -11.76
C TRP B 328 50.81 14.57 -11.47
N LYS B 329 51.87 13.96 -11.95
CA LYS B 329 51.92 12.49 -12.08
C LYS B 329 52.01 11.70 -10.78
N ASP B 330 52.51 12.34 -9.73
CA ASP B 330 52.64 11.67 -8.44
C ASP B 330 51.30 11.47 -7.75
N TRP B 331 50.20 11.92 -8.37
CA TRP B 331 48.87 11.59 -7.89
C TRP B 331 48.71 10.07 -7.83
N SER B 332 49.40 9.36 -8.74
CA SER B 332 49.47 7.89 -8.69
C SER B 332 49.92 7.28 -7.36
N PHE B 333 50.79 7.97 -6.68
CA PHE B 333 51.34 7.62 -5.37
C PHE B 333 50.39 7.85 -4.19
N VAL B 334 49.18 8.33 -4.48
CA VAL B 334 48.10 8.39 -3.52
C VAL B 334 47.02 7.38 -3.93
N ASP B 335 46.56 6.64 -2.94
CA ASP B 335 45.51 5.62 -3.13
C ASP B 335 44.22 6.24 -3.59
N LYS B 336 43.47 5.56 -4.49
CA LYS B 336 42.17 6.09 -4.94
C LYS B 336 41.31 6.73 -3.82
N ASP B 337 41.28 6.06 -2.67
CA ASP B 337 40.55 6.52 -1.50
C ASP B 337 40.99 7.87 -1.07
N GLU B 338 42.24 8.01 -0.62
CA GLU B 338 42.66 9.38 -0.26
C GLU B 338 42.18 10.32 -1.38
N LYS B 339 42.36 9.86 -2.62
CA LYS B 339 41.91 10.55 -3.79
C LYS B 339 40.43 10.81 -3.69
N ALA B 340 39.65 9.79 -3.35
CA ALA B 340 38.22 9.95 -3.17
C ALA B 340 37.88 10.95 -2.06
N ARG B 341 38.61 10.88 -0.93
CA ARG B 341 38.43 11.79 0.21
C ARG B 341 38.69 13.25 -0.16
N LEU B 342 39.70 13.46 -1.00
CA LEU B 342 40.10 14.78 -1.45
C LEU B 342 39.32 15.21 -2.69
N GLN B 343 38.40 14.34 -3.12
CA GLN B 343 37.56 14.49 -4.31
C GLN B 343 38.39 14.85 -5.56
N HIS B 344 39.53 14.17 -5.71
CA HIS B 344 40.46 14.49 -6.79
C HIS B 344 39.90 14.07 -8.13
N GLN B 345 39.94 15.00 -9.07
CA GLN B 345 39.39 14.85 -10.42
C GLN B 345 40.22 15.65 -11.42
N VAL B 346 40.49 15.04 -12.56
CA VAL B 346 41.16 15.76 -13.66
C VAL B 346 40.07 16.41 -14.50
N THR B 347 39.80 17.69 -14.21
CA THR B 347 38.74 18.40 -14.95
C THR B 347 38.89 19.88 -14.96
N GLU B 348 38.88 20.51 -16.13
CA GLU B 348 38.93 21.98 -16.18
C GLU B 348 37.74 22.62 -15.46
N ASP B 349 37.87 22.87 -14.18
CA ASP B 349 36.75 23.40 -13.42
C ASP B 349 37.12 24.68 -12.72
N GLY B 350 38.42 24.96 -12.63
CA GLY B 350 38.89 26.13 -11.93
C GLY B 350 39.34 25.78 -10.53
N GLU B 351 39.08 24.54 -10.10
CA GLU B 351 39.48 24.09 -8.77
C GLU B 351 40.71 23.21 -8.86
N PHE B 352 41.58 23.35 -7.87
CA PHE B 352 42.83 22.58 -7.83
C PHE B 352 43.44 22.59 -6.43
N TRP B 353 44.20 21.55 -6.13
CA TRP B 353 45.01 21.49 -4.92
C TRP B 353 46.39 22.05 -5.20
N MET B 354 47.00 22.62 -4.16
CA MET B 354 48.42 22.99 -4.16
C MET B 354 48.99 22.81 -2.76
N SER B 355 50.31 22.65 -2.66
CA SER B 355 50.99 22.53 -1.35
C SER B 355 50.86 23.81 -0.54
N TYR B 356 50.78 23.68 0.78
CA TYR B 356 50.78 24.85 1.67
C TYR B 356 51.99 25.75 1.43
N GLU B 357 53.14 25.11 1.24
CA GLU B 357 54.40 25.82 0.99
C GLU B 357 54.36 26.67 -0.28
N ASP B 358 53.89 26.10 -1.39
CA ASP B 358 53.74 26.87 -2.63
C ASP B 358 52.71 27.97 -2.48
N PHE B 359 51.63 27.69 -1.74
CA PHE B 359 50.58 28.68 -1.51
C PHE B 359 51.17 29.93 -0.85
N ILE B 360 51.87 29.74 0.25
CA ILE B 360 52.49 30.83 1.01
C ILE B 360 53.52 31.57 0.16
N TYR B 361 54.22 30.79 -0.69
CA TYR B 361 55.26 31.30 -1.58
C TYR B 361 54.71 32.23 -2.66
N HIS B 362 53.56 31.91 -3.25
CA HIS B 362 53.00 32.74 -4.30
C HIS B 362 52.02 33.85 -3.86
N PHE B 363 51.11 33.49 -2.96
CA PHE B 363 50.03 34.41 -2.61
C PHE B 363 50.47 35.38 -1.53
N THR B 364 49.81 36.53 -1.53
CA THR B 364 50.18 37.62 -0.64
C THR B 364 49.08 38.15 0.23
N LYS B 365 47.88 37.63 0.12
CA LYS B 365 46.80 38.11 0.94
C LYS B 365 45.71 37.09 1.16
N LEU B 366 45.40 36.85 2.42
CA LEU B 366 44.35 35.94 2.80
C LEU B 366 43.29 36.74 3.47
N GLU B 367 42.06 36.58 3.03
CA GLU B 367 40.96 37.33 3.59
C GLU B 367 39.98 36.39 4.21
N ILE B 368 39.71 36.56 5.49
CA ILE B 368 38.81 35.67 6.22
C ILE B 368 37.67 36.46 6.83
N CYS B 369 36.45 35.98 6.65
CA CYS B 369 35.29 36.63 7.24
C CYS B 369 34.76 35.70 8.28
N ASN B 370 34.66 36.20 9.49
CA ASN B 370 34.25 35.40 10.65
C ASN B 370 32.80 35.66 10.99
N LEU B 371 32.05 34.56 11.16
CA LEU B 371 30.63 34.63 11.46
C LEU B 371 30.43 35.13 12.87
N THR B 372 29.27 35.73 13.11
CA THR B 372 28.98 36.35 14.42
C THR B 372 29.44 35.60 15.73
N ALA B 373 30.05 36.42 16.57
CA ALA B 373 30.84 35.95 17.74
C ALA B 373 30.45 36.61 19.07
N LYS C 14 -52.48 -6.84 -3.50
CA LYS C 14 -51.46 -5.75 -3.32
C LYS C 14 -50.12 -6.05 -2.62
N THR C 15 -50.01 -7.23 -2.05
CA THR C 15 -48.81 -7.63 -1.28
C THR C 15 -48.27 -8.93 -1.82
N PHE C 16 -46.98 -9.16 -1.65
CA PHE C 16 -46.26 -10.25 -2.30
C PHE C 16 -47.00 -11.55 -2.13
N GLU C 17 -47.31 -11.84 -0.87
CA GLU C 17 -47.95 -13.13 -0.55
C GLU C 17 -49.32 -13.10 -1.14
N GLN C 18 -50.02 -11.96 -1.01
CA GLN C 18 -51.18 -11.67 -1.86
C GLN C 18 -50.81 -11.87 -3.34
N LEU C 19 -49.71 -11.25 -3.77
CA LEU C 19 -49.30 -11.28 -5.16
C LEU C 19 -48.88 -12.68 -5.63
N HIS C 20 -48.12 -13.37 -4.81
CA HIS C 20 -47.44 -14.62 -5.24
C HIS C 20 -48.50 -15.68 -5.58
N LYS C 21 -49.49 -15.85 -4.68
CA LYS C 21 -50.62 -16.72 -4.89
C LYS C 21 -51.39 -16.43 -6.17
N LYS C 22 -51.62 -15.17 -6.47
CA LYS C 22 -52.29 -14.73 -7.71
C LYS C 22 -51.60 -15.29 -8.96
N CYS C 23 -50.29 -15.10 -9.05
CA CYS C 23 -49.51 -15.58 -10.21
C CYS C 23 -49.48 -17.11 -10.32
N LEU C 24 -49.43 -17.76 -9.16
CA LEU C 24 -49.46 -19.21 -9.06
C LEU C 24 -50.76 -19.81 -9.57
N GLU C 25 -51.88 -19.17 -9.24
CA GLU C 25 -53.21 -19.64 -9.66
C GLU C 25 -53.48 -19.34 -11.14
N LYS C 26 -52.95 -18.23 -11.63
CA LYS C 26 -53.06 -17.89 -13.05
C LYS C 26 -51.96 -18.58 -13.90
N LYS C 27 -51.06 -19.33 -13.25
CA LYS C 27 -49.98 -20.10 -13.90
C LYS C 27 -49.12 -19.25 -14.85
N VAL C 28 -48.86 -18.02 -14.42
CA VAL C 28 -48.12 -17.01 -15.19
C VAL C 28 -46.93 -16.52 -14.36
N LEU C 29 -45.86 -16.11 -15.04
CA LEU C 29 -44.72 -15.51 -14.35
C LEU C 29 -44.90 -13.99 -14.23
N TYR C 30 -44.60 -13.47 -13.04
CA TYR C 30 -44.82 -12.06 -12.71
C TYR C 30 -43.96 -11.13 -13.58
N VAL C 31 -44.55 -10.01 -13.98
CA VAL C 31 -43.86 -8.91 -14.65
C VAL C 31 -44.20 -7.65 -13.83
N ASP C 32 -43.18 -6.90 -13.41
CA ASP C 32 -43.45 -5.73 -12.59
C ASP C 32 -43.63 -4.41 -13.30
N PRO C 33 -44.84 -3.87 -13.27
CA PRO C 33 -45.15 -2.61 -13.91
C PRO C 33 -44.50 -1.40 -13.27
N GLU C 34 -44.15 -1.45 -11.98
CA GLU C 34 -43.54 -0.25 -11.38
C GLU C 34 -42.26 0.12 -12.12
N PHE C 35 -41.44 -0.87 -12.49
CA PHE C 35 -40.16 -0.61 -13.12
C PHE C 35 -39.86 -1.92 -13.77
N PRO C 36 -40.33 -2.06 -15.01
CA PRO C 36 -40.28 -3.24 -15.82
C PRO C 36 -38.96 -3.41 -16.54
N PRO C 37 -38.74 -4.60 -17.08
CA PRO C 37 -37.56 -5.03 -17.80
C PRO C 37 -37.39 -4.30 -19.10
N ASP C 38 -36.73 -3.16 -19.05
CA ASP C 38 -36.45 -2.37 -20.26
C ASP C 38 -35.32 -1.42 -19.96
N GLU C 39 -35.18 -0.39 -20.77
CA GLU C 39 -34.13 0.61 -20.56
C GLU C 39 -34.43 1.66 -19.49
N THR C 40 -35.70 1.97 -19.31
CA THR C 40 -36.11 2.97 -18.30
C THR C 40 -35.52 2.50 -16.98
N SER C 41 -35.58 1.18 -16.80
CA SER C 41 -35.04 0.53 -15.64
C SER C 41 -33.54 0.70 -15.56
N LEU C 42 -32.85 0.58 -16.67
CA LEU C 42 -31.41 0.68 -16.62
C LEU C 42 -30.83 2.02 -16.25
N PHE C 43 -31.32 3.08 -16.89
CA PHE C 43 -30.75 4.40 -16.56
C PHE C 43 -31.69 5.58 -16.65
N TYR C 44 -31.39 6.59 -15.84
CA TYR C 44 -32.20 7.80 -15.77
C TYR C 44 -31.60 8.92 -16.63
N SER C 45 -30.51 8.60 -17.33
CA SER C 45 -29.89 9.49 -18.28
C SER C 45 -30.59 9.33 -19.63
N GLN C 46 -30.20 10.19 -20.52
CA GLN C 46 -31.02 10.45 -21.69
C GLN C 46 -30.98 9.42 -22.80
N LYS C 47 -29.85 8.73 -22.93
CA LYS C 47 -29.71 7.66 -23.89
C LYS C 47 -28.47 6.84 -23.64
N PHE C 48 -28.59 5.52 -23.78
CA PHE C 48 -27.48 4.60 -23.61
C PHE C 48 -27.60 3.32 -24.46
N PRO C 49 -26.70 2.34 -24.25
CA PRO C 49 -26.69 1.18 -25.13
C PRO C 49 -27.95 0.29 -24.96
N ILE C 50 -28.38 -0.23 -26.10
CA ILE C 50 -29.56 -1.12 -26.16
C ILE C 50 -29.06 -2.53 -26.30
N GLN C 51 -27.92 -2.83 -25.70
CA GLN C 51 -27.28 -4.14 -25.78
C GLN C 51 -27.77 -5.13 -24.78
N PHE C 52 -28.15 -4.70 -23.58
CA PHE C 52 -28.50 -5.65 -22.51
C PHE C 52 -29.85 -6.33 -22.71
N VAL C 53 -29.84 -7.62 -22.47
CA VAL C 53 -30.99 -8.49 -22.69
C VAL C 53 -31.48 -8.94 -21.35
N TRP C 54 -32.79 -8.91 -21.17
CA TRP C 54 -33.42 -9.29 -19.93
C TRP C 54 -33.76 -10.76 -19.93
N LYS C 55 -33.33 -11.47 -18.90
CA LYS C 55 -33.59 -12.91 -18.79
C LYS C 55 -33.81 -13.30 -17.34
N ARG C 56 -34.76 -14.19 -17.13
CA ARG C 56 -35.01 -14.80 -15.83
C ARG C 56 -33.98 -15.93 -15.58
N PRO C 57 -33.60 -16.20 -14.31
CA PRO C 57 -32.58 -17.24 -14.08
C PRO C 57 -32.85 -18.66 -14.64
N PRO C 58 -34.14 -19.12 -14.71
CA PRO C 58 -34.37 -20.41 -15.39
C PRO C 58 -34.02 -20.42 -16.89
N GLU C 59 -34.07 -19.25 -17.52
CA GLU C 59 -33.68 -19.10 -18.91
C GLU C 59 -32.16 -19.04 -19.05
N ILE C 60 -31.47 -18.68 -17.98
CA ILE C 60 -30.01 -18.54 -18.02
C ILE C 60 -29.30 -19.87 -17.79
N CYS C 61 -29.74 -20.66 -16.82
CA CYS C 61 -29.13 -21.95 -16.52
C CYS C 61 -30.17 -23.03 -16.21
N GLU C 62 -29.70 -24.28 -16.17
CA GLU C 62 -30.52 -25.46 -15.96
C GLU C 62 -31.18 -25.51 -14.59
N ASN C 63 -30.40 -25.28 -13.55
CA ASN C 63 -30.90 -25.43 -12.19
C ASN C 63 -30.57 -24.23 -11.34
N PRO C 64 -31.36 -23.16 -11.45
CA PRO C 64 -31.09 -21.95 -10.67
C PRO C 64 -31.49 -22.17 -9.22
N ARG C 65 -30.74 -21.61 -8.29
CA ARG C 65 -31.11 -21.66 -6.88
C ARG C 65 -31.06 -20.26 -6.30
N PHE C 66 -31.91 -20.00 -5.33
CA PHE C 66 -31.89 -18.76 -4.61
C PHE C 66 -30.63 -18.73 -3.76
N ILE C 67 -30.51 -19.63 -2.79
CA ILE C 67 -29.34 -19.67 -1.91
C ILE C 67 -28.68 -21.03 -1.98
N ILE C 68 -27.35 -21.03 -2.17
CA ILE C 68 -26.55 -22.25 -2.17
C ILE C 68 -25.52 -22.22 -1.04
N ASP C 69 -25.55 -23.26 -0.21
CA ASP C 69 -24.73 -23.40 1.00
C ASP C 69 -24.51 -22.11 1.80
N GLY C 70 -25.61 -21.43 2.10
CA GLY C 70 -25.57 -20.20 2.89
C GLY C 70 -25.37 -18.98 2.03
N ALA C 71 -25.98 -17.89 2.47
CA ALA C 71 -25.76 -16.57 1.94
C ALA C 71 -24.53 -16.10 2.64
N ASN C 72 -23.56 -15.58 1.89
CA ASN C 72 -22.26 -15.26 2.52
C ASN C 72 -21.66 -14.06 1.89
N ARG C 73 -20.37 -13.91 2.08
CA ARG C 73 -19.67 -12.81 1.43
C ARG C 73 -19.10 -13.21 0.09
N THR C 74 -18.75 -14.47 -0.11
CA THR C 74 -18.26 -14.93 -1.39
C THR C 74 -19.33 -14.91 -2.48
N ASP C 75 -20.59 -14.75 -2.09
CA ASP C 75 -21.69 -14.64 -3.05
C ASP C 75 -21.84 -13.20 -3.62
N ILE C 76 -21.01 -12.27 -3.15
CA ILE C 76 -21.12 -10.88 -3.57
C ILE C 76 -19.94 -10.48 -4.43
N CYS C 77 -20.17 -10.38 -5.74
CA CYS C 77 -19.12 -10.02 -6.69
C CYS C 77 -19.60 -8.94 -7.65
N GLN C 78 -18.97 -7.78 -7.58
CA GLN C 78 -19.40 -6.63 -8.37
C GLN C 78 -19.32 -6.88 -9.87
N GLY C 79 -20.28 -6.31 -10.58
CA GLY C 79 -20.32 -6.37 -12.04
C GLY C 79 -19.87 -5.07 -12.65
N GLU C 80 -20.45 -4.72 -13.80
CA GLU C 80 -20.08 -3.51 -14.53
C GLU C 80 -20.99 -2.34 -14.14
N LEU C 81 -21.01 -2.06 -12.84
CA LEU C 81 -21.72 -0.94 -12.26
C LEU C 81 -20.97 -0.57 -11.01
N GLY C 82 -20.72 0.71 -10.83
CA GLY C 82 -19.97 1.17 -9.66
C GLY C 82 -20.89 1.40 -8.47
N ASP C 83 -21.16 0.34 -7.74
CA ASP C 83 -21.99 0.45 -6.54
C ASP C 83 -21.25 -0.33 -5.48
N CYS C 84 -20.03 0.06 -5.25
CA CYS C 84 -19.17 -0.61 -4.29
C CYS C 84 -19.70 -0.60 -2.89
N TRP C 85 -20.22 0.53 -2.48
CA TRP C 85 -20.67 0.70 -1.11
C TRP C 85 -21.76 -0.27 -0.74
N PHE C 86 -22.70 -0.48 -1.65
CA PHE C 86 -23.81 -1.35 -1.38
C PHE C 86 -23.33 -2.76 -1.13
N LEU C 87 -22.43 -3.20 -1.98
CA LEU C 87 -21.92 -4.56 -1.89
C LEU C 87 -21.12 -4.77 -0.65
N ALA C 88 -20.30 -3.78 -0.30
CA ALA C 88 -19.49 -3.91 0.90
C ALA C 88 -20.37 -4.03 2.11
N ALA C 89 -21.48 -3.30 2.11
CA ALA C 89 -22.42 -3.38 3.21
C ALA C 89 -23.16 -4.73 3.30
N ILE C 90 -23.51 -5.30 2.15
CA ILE C 90 -24.11 -6.64 2.13
C ILE C 90 -23.11 -7.64 2.72
N ALA C 91 -21.86 -7.55 2.28
CA ALA C 91 -20.80 -8.43 2.75
C ALA C 91 -20.64 -8.37 4.26
N CYS C 92 -20.61 -7.14 4.80
CA CYS C 92 -20.58 -6.92 6.25
C CYS C 92 -21.76 -7.57 6.92
N LEU C 93 -22.94 -7.41 6.33
CA LEU C 93 -24.18 -7.98 6.87
C LEU C 93 -24.17 -9.50 7.03
N THR C 94 -23.51 -10.21 6.11
CA THR C 94 -23.40 -11.68 6.18
C THR C 94 -22.55 -12.16 7.37
N LEU C 95 -21.78 -11.26 7.97
CA LEU C 95 -21.09 -11.55 9.22
C LEU C 95 -22.05 -11.58 10.42
N ASN C 96 -23.27 -11.07 10.23
CA ASN C 96 -24.33 -11.18 11.24
C ASN C 96 -25.60 -11.86 10.68
N GLN C 97 -25.58 -13.19 10.71
CA GLN C 97 -26.59 -14.01 10.05
C GLN C 97 -28.02 -13.69 10.47
N HIS C 98 -28.27 -13.56 11.77
CA HIS C 98 -29.64 -13.30 12.25
C HIS C 98 -30.18 -11.99 11.68
N LEU C 99 -29.31 -10.98 11.59
CA LEU C 99 -29.65 -9.69 10.98
C LEU C 99 -29.94 -9.80 9.48
N LEU C 100 -29.19 -10.66 8.81
CA LEU C 100 -29.33 -10.91 7.38
C LEU C 100 -30.72 -11.41 6.98
N PHE C 101 -31.33 -12.22 7.85
CA PHE C 101 -32.62 -12.82 7.52
C PHE C 101 -33.81 -11.87 7.66
N ARG C 102 -33.56 -10.67 8.21
CA ARG C 102 -34.58 -9.61 8.25
C ARG C 102 -34.71 -8.97 6.88
N VAL C 103 -33.58 -8.86 6.19
CA VAL C 103 -33.47 -8.27 4.86
C VAL C 103 -33.90 -9.27 3.79
N ILE C 104 -33.43 -10.51 3.93
CA ILE C 104 -33.75 -11.57 2.98
C ILE C 104 -34.71 -12.58 3.62
N PRO C 105 -35.98 -12.57 3.18
CA PRO C 105 -36.93 -13.61 3.57
C PRO C 105 -36.49 -14.91 2.95
N HIS C 106 -36.33 -15.92 3.81
CA HIS C 106 -35.60 -17.15 3.43
C HIS C 106 -36.39 -18.27 2.76
N ASP C 107 -37.71 -18.17 2.83
CA ASP C 107 -38.61 -19.12 2.19
C ASP C 107 -38.92 -18.68 0.76
N GLN C 108 -37.89 -18.65 -0.09
CA GLN C 108 -38.04 -18.32 -1.51
C GLN C 108 -37.27 -19.33 -2.35
N SER C 109 -37.85 -19.74 -3.48
CA SER C 109 -37.30 -20.86 -4.25
C SER C 109 -37.58 -20.80 -5.76
N PHE C 110 -36.69 -21.47 -6.49
CA PHE C 110 -36.86 -21.69 -7.93
C PHE C 110 -37.46 -23.05 -8.24
N ILE C 111 -37.36 -23.97 -7.27
CA ILE C 111 -37.83 -25.35 -7.46
C ILE C 111 -39.17 -25.66 -6.80
N GLU C 112 -39.66 -24.76 -5.94
CA GLU C 112 -40.99 -24.93 -5.35
C GLU C 112 -41.83 -23.65 -5.47
N ASN C 113 -43.05 -23.80 -6.01
CA ASN C 113 -44.03 -22.70 -6.15
C ASN C 113 -43.44 -21.47 -6.84
N TYR C 114 -42.62 -21.71 -7.85
CA TYR C 114 -41.91 -20.66 -8.56
C TYR C 114 -42.87 -19.89 -9.47
N ALA C 115 -42.91 -18.57 -9.28
CA ALA C 115 -43.81 -17.73 -10.05
C ALA C 115 -43.14 -16.46 -10.59
N GLY C 116 -41.81 -16.54 -10.77
CA GLY C 116 -41.01 -15.39 -11.21
C GLY C 116 -41.13 -14.12 -10.36
N ILE C 117 -41.46 -14.29 -9.08
CA ILE C 117 -41.63 -13.16 -8.15
C ILE C 117 -40.87 -13.41 -6.84
N PHE C 118 -40.12 -12.39 -6.41
CA PHE C 118 -39.36 -12.44 -5.16
C PHE C 118 -39.51 -11.11 -4.40
N HIS C 119 -39.07 -11.11 -3.13
CA HIS C 119 -39.14 -9.91 -2.29
C HIS C 119 -38.04 -9.78 -1.22
N PHE C 120 -37.78 -8.53 -0.84
CA PHE C 120 -36.76 -8.19 0.15
C PHE C 120 -37.24 -7.06 1.06
N GLN C 121 -36.61 -6.94 2.23
CA GLN C 121 -37.01 -5.94 3.22
C GLN C 121 -35.90 -4.96 3.52
N PHE C 122 -36.25 -3.68 3.59
CA PHE C 122 -35.30 -2.63 3.93
C PHE C 122 -35.87 -1.72 4.99
N TRP C 123 -34.98 -1.14 5.78
CA TRP C 123 -35.32 -0.18 6.84
C TRP C 123 -35.35 1.23 6.27
N ARG C 124 -36.55 1.82 6.24
CA ARG C 124 -36.78 3.14 5.63
C ARG C 124 -37.68 3.98 6.53
N TYR C 125 -37.15 5.14 6.92
CA TYR C 125 -37.87 6.11 7.75
C TYR C 125 -38.48 5.42 8.98
N GLY C 126 -37.62 4.77 9.76
CA GLY C 126 -38.01 4.13 11.02
C GLY C 126 -38.87 2.88 10.97
N GLU C 127 -38.96 2.22 9.80
CA GLU C 127 -39.76 0.98 9.68
C GLU C 127 -39.32 0.04 8.56
N TRP C 128 -39.55 -1.26 8.76
CA TRP C 128 -39.34 -2.26 7.71
C TRP C 128 -40.35 -2.13 6.58
N VAL C 129 -39.85 -1.99 5.36
CA VAL C 129 -40.70 -1.90 4.17
C VAL C 129 -40.35 -3.04 3.22
N ASP C 130 -41.37 -3.61 2.59
CA ASP C 130 -41.19 -4.77 1.71
C ASP C 130 -41.12 -4.30 0.26
N VAL C 131 -40.20 -4.89 -0.49
CA VAL C 131 -39.99 -4.59 -1.88
C VAL C 131 -40.30 -5.83 -2.69
N VAL C 132 -41.03 -5.64 -3.76
CA VAL C 132 -41.41 -6.79 -4.62
C VAL C 132 -40.84 -6.62 -6.00
N ILE C 133 -40.27 -7.68 -6.57
CA ILE C 133 -39.73 -7.58 -7.93
C ILE C 133 -39.97 -8.82 -8.77
N ASP C 134 -39.83 -8.64 -10.08
CA ASP C 134 -39.91 -9.76 -11.00
C ASP C 134 -38.48 -10.20 -11.18
N ASP C 135 -38.25 -11.47 -11.51
CA ASP C 135 -36.88 -12.01 -11.54
C ASP C 135 -36.11 -11.81 -12.85
N CYS C 136 -36.56 -10.89 -13.71
CA CYS C 136 -35.84 -10.60 -14.93
C CYS C 136 -34.59 -9.87 -14.50
N LEU C 137 -33.48 -10.20 -15.14
CA LEU C 137 -32.19 -9.63 -14.81
C LEU C 137 -31.44 -9.28 -16.09
N PRO C 138 -30.67 -8.17 -16.08
CA PRO C 138 -29.90 -7.76 -17.25
C PRO C 138 -28.73 -8.70 -17.54
N THR C 139 -28.61 -9.13 -18.80
CA THR C 139 -27.57 -10.07 -19.23
C THR C 139 -26.95 -9.70 -20.57
N TYR C 140 -25.79 -10.27 -20.85
CA TYR C 140 -25.13 -10.15 -22.15
C TYR C 140 -24.43 -11.48 -22.38
N ASN C 141 -24.56 -12.00 -23.60
CA ASN C 141 -24.08 -13.34 -23.96
C ASN C 141 -24.54 -14.40 -22.95
N ASN C 142 -25.79 -14.26 -22.51
CA ASN C 142 -26.43 -15.13 -21.52
C ASN C 142 -25.65 -15.24 -20.19
N GLN C 143 -25.02 -14.14 -19.77
CA GLN C 143 -24.38 -14.05 -18.45
C GLN C 143 -24.66 -12.69 -17.83
N LEU C 144 -24.74 -12.66 -16.49
CA LEU C 144 -25.08 -11.45 -15.76
C LEU C 144 -24.07 -10.34 -15.96
N VAL C 145 -24.56 -9.12 -16.10
CA VAL C 145 -23.67 -7.98 -16.30
C VAL C 145 -23.36 -7.29 -15.00
N PHE C 146 -24.29 -7.36 -14.06
CA PHE C 146 -24.13 -6.66 -12.79
C PHE C 146 -23.78 -7.67 -11.72
N THR C 147 -24.04 -7.34 -10.46
CA THR C 147 -23.64 -8.18 -9.34
C THR C 147 -24.10 -9.63 -9.52
N LYS C 148 -23.20 -10.54 -9.20
CA LYS C 148 -23.40 -11.97 -9.37
C LYS C 148 -22.77 -12.70 -8.18
N SER C 149 -23.18 -13.93 -7.95
CA SER C 149 -22.53 -14.78 -6.97
C SER C 149 -21.34 -15.45 -7.62
N ASN C 150 -20.35 -15.84 -6.81
CA ASN C 150 -19.22 -16.58 -7.35
C ASN C 150 -19.64 -17.99 -7.80
N HIS C 151 -20.72 -18.53 -7.25
CA HIS C 151 -21.28 -19.77 -7.73
C HIS C 151 -22.29 -19.43 -8.85
N ARG C 152 -22.09 -20.06 -9.99
CA ARG C 152 -22.85 -19.79 -11.21
C ARG C 152 -24.38 -19.91 -11.05
N ASN C 153 -24.82 -20.80 -10.17
CA ASN C 153 -26.24 -21.09 -10.02
C ASN C 153 -26.98 -20.29 -8.94
N GLU C 154 -26.24 -19.47 -8.18
CA GLU C 154 -26.80 -18.77 -7.04
C GLU C 154 -27.26 -17.38 -7.50
N PHE C 155 -28.47 -17.03 -7.11
CA PHE C 155 -29.09 -15.78 -7.61
C PHE C 155 -29.59 -14.77 -6.58
N TRP C 156 -29.44 -15.08 -5.29
CA TRP C 156 -30.00 -14.22 -4.25
C TRP C 156 -29.42 -12.81 -4.30
N SER C 157 -28.11 -12.72 -4.51
CA SER C 157 -27.41 -11.45 -4.47
C SER C 157 -27.75 -10.57 -5.67
N ALA C 158 -27.87 -11.18 -6.85
CA ALA C 158 -28.27 -10.48 -8.07
C ALA C 158 -29.68 -9.90 -7.92
N LEU C 159 -30.56 -10.68 -7.30
CA LEU C 159 -31.93 -10.24 -7.05
C LEU C 159 -32.01 -9.13 -5.99
N LEU C 160 -31.21 -9.24 -4.93
CA LEU C 160 -31.18 -8.24 -3.86
C LEU C 160 -30.75 -6.89 -4.42
N GLU C 161 -29.72 -6.89 -5.25
CA GLU C 161 -29.23 -5.69 -5.94
C GLU C 161 -30.35 -5.05 -6.73
N LYS C 162 -31.18 -5.86 -7.38
CA LYS C 162 -32.23 -5.37 -8.22
C LYS C 162 -33.21 -4.65 -7.31
N ALA C 163 -33.57 -5.30 -6.21
CA ALA C 163 -34.53 -4.74 -5.29
C ALA C 163 -34.07 -3.39 -4.78
N TYR C 164 -32.83 -3.35 -4.32
CA TYR C 164 -32.30 -2.10 -3.78
C TYR C 164 -32.22 -1.07 -4.89
N ALA C 165 -31.90 -1.49 -6.08
CA ALA C 165 -31.89 -0.56 -7.17
C ALA C 165 -33.32 -0.15 -7.50
N LYS C 166 -34.32 -0.82 -6.93
CA LYS C 166 -35.69 -0.43 -7.25
C LYS C 166 -36.25 0.42 -6.14
N LEU C 167 -35.55 0.45 -5.01
CA LEU C 167 -35.91 1.30 -3.89
C LEU C 167 -35.71 2.72 -4.35
N HIS C 168 -34.65 2.91 -5.10
CA HIS C 168 -34.34 4.18 -5.74
C HIS C 168 -34.79 4.11 -7.18
N GLY C 169 -34.57 5.17 -7.91
CA GLY C 169 -34.96 5.19 -9.32
C GLY C 169 -33.83 4.67 -10.17
N SER C 170 -34.04 3.47 -10.75
CA SER C 170 -33.18 2.87 -11.76
C SER C 170 -31.83 2.30 -11.30
N TYR C 171 -31.24 1.49 -12.16
CA TYR C 171 -29.95 0.90 -11.93
C TYR C 171 -28.88 1.96 -11.89
N GLU C 172 -28.98 2.99 -12.73
CA GLU C 172 -27.97 4.04 -12.76
C GLU C 172 -27.74 4.74 -11.45
N ALA C 173 -28.78 4.92 -10.65
CA ALA C 173 -28.66 5.69 -9.41
C ALA C 173 -27.62 5.16 -8.42
N LEU C 174 -27.47 3.87 -8.36
CA LEU C 174 -26.49 3.28 -7.45
C LEU C 174 -25.05 3.58 -7.80
N LYS C 175 -24.81 4.26 -8.91
CA LYS C 175 -23.45 4.54 -9.34
C LYS C 175 -22.76 5.59 -8.50
N GLY C 176 -22.62 5.33 -7.21
CA GLY C 176 -21.92 6.24 -6.34
C GLY C 176 -22.71 6.64 -5.13
N GLY C 177 -22.11 6.50 -3.95
CA GLY C 177 -22.79 6.82 -2.70
C GLY C 177 -22.00 6.48 -1.48
N ASN C 178 -22.67 6.23 -0.35
CA ASN C 178 -21.94 5.91 0.86
C ASN C 178 -22.36 4.63 1.51
N THR C 179 -21.40 3.82 1.91
CA THR C 179 -21.67 2.54 2.53
C THR C 179 -22.59 2.68 3.73
N THR C 180 -22.38 3.72 4.52
CA THR C 180 -23.22 3.93 5.69
C THR C 180 -24.70 4.05 5.36
N GLU C 181 -25.05 4.58 4.20
CA GLU C 181 -26.43 4.63 3.75
C GLU C 181 -27.04 3.22 3.69
N ALA C 182 -26.33 2.29 3.05
CA ALA C 182 -26.78 0.90 2.92
C ALA C 182 -26.81 0.16 4.25
N MET C 183 -25.81 0.39 5.10
CA MET C 183 -25.73 -0.21 6.43
C MET C 183 -26.96 0.12 7.23
N GLU C 184 -27.34 1.40 7.24
CA GLU C 184 -28.54 1.83 7.94
C GLU C 184 -29.81 1.25 7.32
N ASP C 185 -29.87 1.19 5.99
CA ASP C 185 -30.98 0.56 5.28
C ASP C 185 -31.15 -0.95 5.56
N PHE C 186 -30.08 -1.61 6.01
CA PHE C 186 -30.14 -3.04 6.36
C PHE C 186 -30.36 -3.31 7.84
N THR C 187 -30.03 -2.35 8.70
CA THR C 187 -30.03 -2.60 10.15
C THR C 187 -30.92 -1.67 10.96
N GLY C 188 -31.07 -0.43 10.50
CA GLY C 188 -31.72 0.61 11.30
C GLY C 188 -30.85 1.07 12.44
N GLY C 189 -29.55 0.83 12.34
CA GLY C 189 -28.60 1.29 13.33
C GLY C 189 -28.11 2.69 13.08
N VAL C 190 -27.13 3.13 13.86
CA VAL C 190 -26.61 4.51 13.82
C VAL C 190 -25.14 4.50 13.41
N ALA C 191 -24.87 5.19 12.29
CA ALA C 191 -23.51 5.27 11.74
C ALA C 191 -22.58 6.23 12.52
N GLU C 192 -21.32 5.86 12.60
CA GLU C 192 -20.25 6.65 13.25
C GLU C 192 -19.04 6.66 12.32
N PHE C 193 -18.29 7.75 12.31
CA PHE C 193 -17.15 7.88 11.39
C PHE C 193 -15.86 8.18 12.16
N PHE C 194 -14.77 7.63 11.65
CA PHE C 194 -13.44 7.88 12.21
C PHE C 194 -12.56 8.33 11.05
N GLU C 195 -11.81 9.42 11.25
CA GLU C 195 -10.71 9.74 10.37
C GLU C 195 -9.51 9.04 10.96
N ILE C 196 -8.87 8.23 10.14
CA ILE C 196 -7.83 7.33 10.63
C ILE C 196 -6.65 8.13 11.18
N ARG C 197 -6.31 9.25 10.55
CA ARG C 197 -5.28 10.16 11.09
C ARG C 197 -5.54 10.62 12.54
N ASP C 198 -6.78 11.00 12.84
CA ASP C 198 -7.20 11.43 14.17
C ASP C 198 -7.52 10.29 15.14
N ALA C 199 -7.33 9.04 14.71
CA ALA C 199 -7.68 7.87 15.48
C ALA C 199 -6.91 7.78 16.78
N PRO C 200 -7.62 7.60 17.92
CA PRO C 200 -6.98 7.35 19.23
C PRO C 200 -6.17 6.06 19.28
N SER C 201 -5.28 5.96 20.27
CA SER C 201 -4.31 4.84 20.36
C SER C 201 -4.96 3.45 20.52
N ASP C 202 -6.20 3.42 21.00
CA ASP C 202 -6.93 2.20 21.34
C ASP C 202 -7.93 1.77 20.26
N MET C 203 -7.77 2.32 19.05
CA MET C 203 -8.72 2.08 17.97
C MET C 203 -8.88 0.59 17.64
N TYR C 204 -7.77 -0.15 17.64
CA TYR C 204 -7.80 -1.60 17.43
C TYR C 204 -8.84 -2.24 18.32
N LYS C 205 -8.78 -1.87 19.60
CA LYS C 205 -9.71 -2.38 20.59
C LYS C 205 -11.14 -1.97 20.28
N ILE C 206 -11.33 -0.72 19.86
CA ILE C 206 -12.67 -0.20 19.50
C ILE C 206 -13.27 -1.02 18.33
N MET C 207 -12.47 -1.23 17.28
CA MET C 207 -12.87 -2.01 16.12
C MET C 207 -13.23 -3.42 16.55
N LYS C 208 -12.35 -4.02 17.35
CA LYS C 208 -12.56 -5.37 17.88
C LYS C 208 -13.89 -5.50 18.63
N LYS C 209 -14.19 -4.56 19.53
CA LYS C 209 -15.46 -4.56 20.26
C LYS C 209 -16.66 -4.49 19.32
N ALA C 210 -16.57 -3.64 18.31
CA ALA C 210 -17.62 -3.46 17.31
C ALA C 210 -17.94 -4.75 16.52
N ILE C 211 -16.90 -5.42 16.05
CA ILE C 211 -17.07 -6.68 15.32
C ILE C 211 -17.65 -7.80 16.20
N GLU C 212 -17.22 -7.90 17.46
CA GLU C 212 -17.74 -8.88 18.40
C GLU C 212 -19.22 -8.64 18.71
N ARG C 213 -19.64 -7.39 18.61
CA ARG C 213 -21.01 -7.00 18.91
C ARG C 213 -21.94 -7.21 17.73
N GLY C 214 -21.38 -7.54 16.56
CA GLY C 214 -22.14 -7.76 15.34
C GLY C 214 -22.41 -6.49 14.54
N SER C 215 -21.76 -5.39 14.94
CA SER C 215 -21.82 -4.14 14.19
C SER C 215 -21.06 -4.26 12.86
N LEU C 216 -21.55 -3.56 11.85
CA LEU C 216 -20.99 -3.63 10.51
C LEU C 216 -19.89 -2.56 10.35
N MET C 217 -18.82 -2.92 9.66
CA MET C 217 -17.67 -2.02 9.49
C MET C 217 -17.11 -1.96 8.06
N GLY C 218 -17.07 -0.74 7.53
CA GLY C 218 -16.49 -0.46 6.22
C GLY C 218 -15.34 0.53 6.31
N CYS C 219 -14.53 0.58 5.27
CA CYS C 219 -13.40 1.51 5.24
C CYS C 219 -13.00 1.86 3.82
N SER C 220 -12.19 2.90 3.66
CA SER C 220 -11.78 3.35 2.35
C SER C 220 -10.54 4.22 2.36
N ILE C 221 -9.97 4.45 1.20
CA ILE C 221 -8.83 5.37 1.06
C ILE C 221 -9.21 6.44 0.10
N ASP C 222 -9.35 7.69 0.56
CA ASP C 222 -9.83 8.75 -0.34
C ASP C 222 -8.95 9.02 -1.54
N ASP C 223 -9.61 9.34 -2.64
CA ASP C 223 -8.96 9.71 -3.91
C ASP C 223 -8.60 11.22 -4.02
N ARG C 280 -5.78 -0.61 -8.70
CA ARG C 280 -5.51 0.79 -9.06
C ARG C 280 -4.08 1.24 -8.76
N MET C 281 -3.62 1.02 -7.55
CA MET C 281 -2.20 1.27 -7.18
C MET C 281 -1.39 -0.03 -7.11
N ALA C 282 -0.07 0.11 -7.22
CA ALA C 282 0.89 -0.98 -7.14
C ALA C 282 0.69 -1.84 -5.89
N CYS C 283 0.47 -1.19 -4.75
CA CYS C 283 0.16 -1.90 -3.50
C CYS C 283 -1.28 -2.22 -3.80
N GLY C 284 -1.71 -3.47 -3.66
CA GLY C 284 -2.95 -3.99 -4.24
C GLY C 284 -4.26 -3.39 -3.77
N LEU C 285 -4.18 -2.29 -3.04
CA LEU C 285 -5.37 -1.56 -2.61
C LEU C 285 -5.95 -0.66 -3.70
N VAL C 286 -7.23 -0.31 -3.57
CA VAL C 286 -7.93 0.57 -4.52
C VAL C 286 -8.43 1.81 -3.76
N ARG C 287 -8.19 2.99 -4.33
CA ARG C 287 -8.68 4.23 -3.70
C ARG C 287 -10.08 4.56 -4.12
N GLY C 288 -10.80 5.22 -3.19
CA GLY C 288 -12.19 5.57 -3.41
C GLY C 288 -12.95 4.28 -3.61
N HIS C 289 -12.75 3.34 -2.70
CA HIS C 289 -13.39 2.04 -2.81
C HIS C 289 -13.83 1.54 -1.47
N ALA C 290 -15.06 1.05 -1.40
CA ALA C 290 -15.61 0.58 -0.12
C ALA C 290 -15.21 -0.84 0.25
N TYR C 291 -14.31 -0.97 1.19
CA TYR C 291 -13.86 -2.28 1.64
C TYR C 291 -14.71 -2.73 2.82
N SER C 292 -14.90 -4.03 2.95
CA SER C 292 -15.56 -4.61 4.11
C SER C 292 -14.53 -5.06 5.13
N VAL C 293 -14.73 -4.71 6.39
CA VAL C 293 -13.91 -5.21 7.47
C VAL C 293 -14.57 -6.48 7.99
N THR C 294 -13.85 -7.59 7.87
CA THR C 294 -14.41 -8.91 8.14
C THR C 294 -13.74 -9.68 9.25
N GLY C 295 -12.68 -9.12 9.84
CA GLY C 295 -12.00 -9.76 10.96
C GLY C 295 -10.94 -8.91 11.63
N LEU C 296 -10.76 -9.14 12.93
CA LEU C 296 -9.63 -8.59 13.69
C LEU C 296 -9.11 -9.63 14.67
N ASP C 297 -7.80 -9.81 14.68
CA ASP C 297 -7.19 -10.83 15.52
C ASP C 297 -5.73 -10.56 15.83
N GLU C 298 -5.25 -11.24 16.87
CA GLU C 298 -3.85 -11.24 17.27
C GLU C 298 -3.28 -12.62 17.00
N VAL C 299 -2.12 -12.66 16.36
CA VAL C 299 -1.39 -13.90 16.12
C VAL C 299 -0.04 -13.82 16.84
N PRO C 300 0.37 -14.88 17.53
CA PRO C 300 1.77 -14.94 17.99
C PRO C 300 2.70 -15.26 16.82
N PHE C 301 3.62 -14.36 16.51
CA PHE C 301 4.53 -14.52 15.38
C PHE C 301 5.97 -14.19 15.83
N LYS C 302 6.86 -15.16 15.63
CA LYS C 302 8.27 -15.05 16.03
C LYS C 302 8.41 -14.52 17.47
N GLY C 303 7.68 -15.14 18.39
CA GLY C 303 7.75 -14.81 19.81
C GLY C 303 7.03 -13.55 20.26
N GLU C 304 6.22 -12.95 19.39
CA GLU C 304 5.47 -11.75 19.72
C GLU C 304 4.08 -11.72 19.10
N LYS C 305 3.10 -11.11 19.80
CA LYS C 305 1.76 -10.98 19.28
C LYS C 305 1.52 -9.78 18.35
N VAL C 306 1.04 -10.09 17.14
CA VAL C 306 0.86 -9.14 16.05
C VAL C 306 -0.62 -8.93 15.79
N LYS C 307 -1.06 -7.67 15.91
CA LYS C 307 -2.46 -7.29 15.63
C LYS C 307 -2.73 -7.25 14.11
N LEU C 308 -3.81 -7.91 13.71
CA LEU C 308 -4.17 -8.04 12.30
C LEU C 308 -5.57 -7.56 12.00
N VAL C 309 -5.79 -7.15 10.74
CA VAL C 309 -7.09 -6.71 10.24
C VAL C 309 -7.39 -7.48 8.94
N ARG C 310 -8.58 -8.04 8.82
CA ARG C 310 -9.02 -8.71 7.60
C ARG C 310 -10.03 -7.86 6.81
N LEU C 311 -9.77 -7.74 5.51
CA LEU C 311 -10.59 -6.91 4.64
C LEU C 311 -11.04 -7.68 3.39
N ARG C 312 -12.17 -7.23 2.82
CA ARG C 312 -12.69 -7.81 1.58
C ARG C 312 -13.07 -6.76 0.54
N ASN C 313 -12.44 -6.87 -0.63
CA ASN C 313 -12.80 -6.07 -1.78
C ASN C 313 -14.05 -6.66 -2.49
N PRO C 314 -15.17 -5.93 -2.50
CA PRO C 314 -16.40 -6.36 -3.16
C PRO C 314 -16.21 -6.91 -4.55
N TRP C 315 -15.17 -6.48 -5.26
CA TRP C 315 -14.90 -7.02 -6.60
C TRP C 315 -14.68 -8.52 -6.55
N GLY C 316 -14.15 -8.97 -5.42
CA GLY C 316 -13.86 -10.37 -5.21
C GLY C 316 -12.54 -10.78 -5.81
N GLN C 317 -11.77 -9.86 -6.39
CA GLN C 317 -10.63 -10.28 -7.20
C GLN C 317 -9.29 -9.58 -6.98
N VAL C 318 -9.22 -8.44 -6.30
CA VAL C 318 -7.92 -7.78 -6.21
C VAL C 318 -7.53 -7.53 -4.76
N GLU C 319 -6.35 -8.01 -4.38
CA GLU C 319 -5.98 -8.01 -2.97
C GLU C 319 -4.64 -7.33 -2.70
N TRP C 320 -4.45 -6.94 -1.43
CA TRP C 320 -3.17 -6.47 -0.89
C TRP C 320 -2.10 -7.52 -1.16
N ASN C 321 -0.93 -7.02 -1.50
CA ASN C 321 0.20 -7.89 -1.87
C ASN C 321 1.38 -7.77 -0.90
N GLY C 322 1.16 -7.08 0.22
CA GLY C 322 2.24 -6.81 1.16
C GLY C 322 2.29 -7.89 2.23
N SER C 323 2.74 -7.49 3.42
CA SER C 323 2.84 -8.39 4.58
C SER C 323 1.47 -8.94 5.00
N TRP C 324 1.43 -10.24 5.29
CA TRP C 324 0.23 -10.98 5.70
C TRP C 324 -0.77 -11.25 4.58
N SER C 325 -0.46 -10.80 3.35
CA SER C 325 -1.22 -11.16 2.17
C SER C 325 -1.14 -12.68 1.93
N ASP C 326 -1.96 -13.17 1.01
CA ASP C 326 -2.09 -14.60 0.74
C ASP C 326 -0.75 -15.32 0.53
N ARG C 327 0.08 -14.79 -0.37
CA ARG C 327 1.32 -15.50 -0.77
C ARG C 327 2.58 -15.09 -0.02
N TRP C 328 2.42 -14.29 1.04
CA TRP C 328 3.53 -13.79 1.85
C TRP C 328 4.25 -14.95 2.52
N LYS C 329 5.57 -15.01 2.35
CA LYS C 329 6.31 -16.24 2.65
C LYS C 329 6.48 -16.54 4.14
N ASP C 330 6.48 -15.51 4.98
CA ASP C 330 6.64 -15.72 6.40
C ASP C 330 5.40 -16.32 7.07
N TRP C 331 4.37 -16.64 6.27
CA TRP C 331 3.25 -17.45 6.74
C TRP C 331 3.79 -18.79 7.27
N SER C 332 4.91 -19.26 6.70
CA SER C 332 5.65 -20.42 7.21
C SER C 332 5.97 -20.40 8.71
N PHE C 333 6.21 -19.22 9.28
CA PHE C 333 6.47 -19.12 10.72
C PHE C 333 5.20 -19.13 11.60
N VAL C 334 4.04 -19.48 11.02
CA VAL C 334 2.78 -19.46 11.74
C VAL C 334 2.26 -20.89 11.96
N ASP C 335 1.90 -21.22 13.20
CA ASP C 335 1.47 -22.61 13.48
C ASP C 335 0.16 -23.00 12.80
N LYS C 336 -0.03 -24.29 12.64
CA LYS C 336 -1.19 -24.84 11.92
C LYS C 336 -2.52 -24.49 12.52
N ASP C 337 -2.73 -24.76 13.81
CA ASP C 337 -4.02 -24.48 14.43
C ASP C 337 -4.37 -22.99 14.30
N GLU C 338 -3.38 -22.15 14.60
CA GLU C 338 -3.57 -20.74 14.49
C GLU C 338 -3.99 -20.35 13.10
N LYS C 339 -3.29 -20.87 12.11
CA LYS C 339 -3.60 -20.59 10.71
C LYS C 339 -5.03 -20.93 10.44
N ALA C 340 -5.42 -22.14 10.80
CA ALA C 340 -6.78 -22.59 10.64
C ALA C 340 -7.79 -21.66 11.30
N ARG C 341 -7.51 -21.24 12.53
CA ARG C 341 -8.36 -20.31 13.27
C ARG C 341 -8.63 -19.05 12.45
N LEU C 342 -7.61 -18.60 11.74
CA LEU C 342 -7.70 -17.39 10.95
C LEU C 342 -8.21 -17.68 9.54
N GLN C 343 -8.52 -18.95 9.30
CA GLN C 343 -9.01 -19.47 8.01
C GLN C 343 -8.12 -19.03 6.84
N HIS C 344 -6.80 -19.10 7.05
CA HIS C 344 -5.85 -18.63 6.04
C HIS C 344 -5.85 -19.58 4.84
N GLN C 345 -5.98 -18.98 3.66
CA GLN C 345 -6.08 -19.67 2.38
C GLN C 345 -5.48 -18.82 1.27
N VAL C 346 -4.73 -19.45 0.38
CA VAL C 346 -4.24 -18.78 -0.82
C VAL C 346 -5.32 -18.91 -1.90
N THR C 347 -6.15 -17.87 -1.97
CA THR C 347 -7.35 -17.85 -2.79
C THR C 347 -7.61 -16.42 -3.28
N GLU C 348 -7.73 -16.25 -4.59
CA GLU C 348 -7.99 -14.91 -5.10
C GLU C 348 -9.48 -14.64 -5.06
N ASP C 349 -9.96 -14.37 -3.85
CA ASP C 349 -11.37 -14.18 -3.57
C ASP C 349 -11.75 -12.74 -3.17
N GLY C 350 -10.77 -11.86 -3.08
CA GLY C 350 -10.98 -10.47 -2.66
C GLY C 350 -10.76 -10.20 -1.19
N GLU C 351 -10.53 -11.27 -0.43
CA GLU C 351 -10.32 -11.19 1.02
C GLU C 351 -8.86 -11.46 1.40
N PHE C 352 -8.37 -10.74 2.39
CA PHE C 352 -6.96 -10.82 2.79
C PHE C 352 -6.74 -10.25 4.19
N TRP C 353 -5.70 -10.73 4.86
CA TRP C 353 -5.24 -10.17 6.11
C TRP C 353 -4.18 -9.11 5.82
N MET C 354 -4.10 -8.12 6.70
CA MET C 354 -2.99 -7.16 6.74
C MET C 354 -2.72 -6.77 8.20
N SER C 355 -1.51 -6.30 8.48
CA SER C 355 -1.14 -5.82 9.82
C SER C 355 -1.96 -4.58 10.20
N TYR C 356 -2.27 -4.44 11.48
CA TYR C 356 -2.96 -3.24 11.98
C TYR C 356 -2.19 -1.97 11.63
N GLU C 357 -0.87 -2.04 11.74
CA GLU C 357 0.01 -0.91 11.46
C GLU C 357 -0.10 -0.46 10.00
N ASP C 358 -0.01 -1.40 9.04
CA ASP C 358 -0.19 -1.06 7.63
C ASP C 358 -1.59 -0.54 7.34
N PHE C 359 -2.59 -1.13 8.01
CA PHE C 359 -3.98 -0.71 7.82
C PHE C 359 -4.13 0.77 8.14
N ILE C 360 -3.70 1.14 9.34
CA ILE C 360 -3.79 2.52 9.82
C ILE C 360 -2.99 3.47 8.93
N TYR C 361 -1.86 2.97 8.43
CA TYR C 361 -0.97 3.70 7.56
C TYR C 361 -1.58 4.05 6.20
N HIS C 362 -2.29 3.10 5.60
CA HIS C 362 -2.87 3.30 4.26
C HIS C 362 -4.28 3.84 4.21
N PHE C 363 -5.15 3.36 5.09
CA PHE C 363 -6.56 3.74 5.04
C PHE C 363 -6.78 5.05 5.77
N THR C 364 -7.79 5.79 5.32
CA THR C 364 -8.03 7.15 5.76
C THR C 364 -9.41 7.35 6.40
N LYS C 365 -10.38 6.52 6.04
CA LYS C 365 -11.71 6.63 6.61
C LYS C 365 -12.25 5.27 7.08
N LEU C 366 -12.91 5.30 8.24
CA LEU C 366 -13.50 4.10 8.85
C LEU C 366 -14.91 4.39 9.31
N GLU C 367 -15.84 3.55 8.90
CA GLU C 367 -17.21 3.76 9.25
C GLU C 367 -17.74 2.55 9.96
N ILE C 368 -18.49 2.80 11.03
CA ILE C 368 -19.13 1.76 11.81
C ILE C 368 -20.62 2.05 11.92
N CYS C 369 -21.46 1.05 11.70
CA CYS C 369 -22.88 1.17 11.97
C CYS C 369 -23.26 0.31 13.16
N ASN C 370 -23.57 0.97 14.26
CA ASN C 370 -24.01 0.30 15.48
C ASN C 370 -25.48 -0.13 15.55
N LEU C 371 -25.88 -0.68 16.68
CA LEU C 371 -27.25 -1.09 16.92
C LEU C 371 -27.67 -0.71 18.33
N THR C 372 -28.98 -0.53 18.53
CA THR C 372 -29.50 -0.02 19.80
C THR C 372 -29.03 -0.86 20.99
N ALA C 373 -29.19 -2.18 20.92
CA ALA C 373 -28.74 -3.10 21.96
C ALA C 373 -28.58 -4.51 21.40
N LYS D 12 -45.18 -27.34 30.20
CA LYS D 12 -45.24 -27.99 28.86
C LYS D 12 -46.14 -27.21 27.90
N GLU D 13 -47.42 -27.03 28.25
CA GLU D 13 -48.37 -26.24 27.46
C GLU D 13 -47.88 -24.79 27.31
N LYS D 14 -46.81 -24.46 28.01
CA LYS D 14 -46.01 -23.27 27.82
C LYS D 14 -45.53 -23.19 26.36
N THR D 15 -45.28 -21.99 25.85
CA THR D 15 -44.85 -21.78 24.47
C THR D 15 -43.48 -21.12 24.44
N PHE D 16 -42.69 -21.39 23.39
CA PHE D 16 -41.36 -20.84 23.27
C PHE D 16 -41.39 -19.33 23.50
N GLU D 17 -42.34 -18.66 22.85
CA GLU D 17 -42.45 -17.24 22.97
C GLU D 17 -42.75 -16.87 24.40
N GLN D 18 -43.69 -17.59 25.03
CA GLN D 18 -44.04 -17.33 26.42
C GLN D 18 -42.79 -17.36 27.32
N LEU D 19 -42.08 -18.48 27.24
CA LEU D 19 -40.94 -18.77 28.09
C LEU D 19 -39.77 -17.86 27.77
N HIS D 20 -39.52 -17.59 26.48
CA HIS D 20 -38.48 -16.67 26.07
C HIS D 20 -38.65 -15.29 26.69
N LYS D 21 -39.85 -14.73 26.53
CA LYS D 21 -40.20 -13.40 27.04
C LYS D 21 -40.04 -13.36 28.56
N LYS D 22 -40.55 -14.40 29.24
CA LYS D 22 -40.49 -14.52 30.68
C LYS D 22 -39.06 -14.39 31.20
N CYS D 23 -38.17 -15.20 30.61
CA CYS D 23 -36.78 -15.27 31.01
C CYS D 23 -36.03 -13.97 30.75
N LEU D 24 -36.38 -13.30 29.63
CA LEU D 24 -35.79 -12.03 29.25
C LEU D 24 -36.14 -10.93 30.22
N GLU D 25 -37.38 -10.91 30.70
CA GLU D 25 -37.83 -9.89 31.64
C GLU D 25 -37.30 -10.14 33.06
N LYS D 26 -37.15 -11.40 33.43
CA LYS D 26 -36.55 -11.76 34.72
C LYS D 26 -35.01 -11.77 34.67
N LYS D 27 -34.43 -11.54 33.49
CA LYS D 27 -32.96 -11.48 33.27
C LYS D 27 -32.23 -12.74 33.78
N VAL D 28 -32.88 -13.89 33.58
CA VAL D 28 -32.40 -15.20 34.01
C VAL D 28 -32.30 -16.14 32.81
N LEU D 29 -31.35 -17.07 32.86
CA LEU D 29 -31.18 -18.04 31.77
C LEU D 29 -32.04 -19.29 32.01
N TYR D 30 -32.71 -19.74 30.96
CA TYR D 30 -33.63 -20.87 31.03
C TYR D 30 -32.93 -22.17 31.42
N VAL D 31 -33.62 -22.97 32.24
CA VAL D 31 -33.20 -24.32 32.58
C VAL D 31 -34.41 -25.22 32.29
N ASP D 32 -34.21 -26.26 31.49
CA ASP D 32 -35.29 -27.13 31.05
C ASP D 32 -35.65 -28.18 32.12
N PRO D 33 -36.87 -28.08 32.67
CA PRO D 33 -37.30 -29.06 33.67
C PRO D 33 -37.39 -30.49 33.12
N GLU D 34 -37.93 -30.65 31.92
CA GLU D 34 -38.19 -31.98 31.35
C GLU D 34 -36.97 -32.66 30.73
N PHE D 35 -35.96 -31.87 30.35
CA PHE D 35 -34.69 -32.41 29.82
C PHE D 35 -33.52 -31.66 30.48
N PRO D 36 -33.27 -31.92 31.77
CA PRO D 36 -32.32 -31.15 32.57
C PRO D 36 -30.86 -31.48 32.27
N PRO D 37 -29.94 -30.53 32.52
CA PRO D 37 -28.50 -30.78 32.32
C PRO D 37 -27.90 -31.69 33.41
N ASP D 38 -28.13 -32.99 33.29
CA ASP D 38 -27.58 -34.01 34.19
C ASP D 38 -27.52 -35.37 33.47
N GLU D 39 -27.12 -36.40 34.21
CA GLU D 39 -26.86 -37.72 33.61
C GLU D 39 -28.11 -38.43 33.06
N THR D 40 -29.30 -38.03 33.52
CA THR D 40 -30.56 -38.61 33.05
C THR D 40 -30.83 -38.29 31.57
N SER D 41 -30.42 -37.10 31.14
CA SER D 41 -30.56 -36.68 29.74
C SER D 41 -29.51 -37.34 28.83
N LEU D 42 -28.42 -37.81 29.44
CA LEU D 42 -27.33 -38.43 28.70
C LEU D 42 -27.59 -39.89 28.34
N PHE D 43 -27.95 -40.67 29.35
CA PHE D 43 -28.17 -42.10 29.16
C PHE D 43 -29.31 -42.61 30.04
N TYR D 44 -29.82 -43.77 29.65
CA TYR D 44 -30.78 -44.51 30.45
C TYR D 44 -30.17 -45.80 30.99
N SER D 45 -29.46 -46.55 30.15
CA SER D 45 -28.92 -47.85 30.57
C SER D 45 -27.42 -47.79 30.78
N GLN D 46 -26.67 -47.60 29.71
CA GLN D 46 -25.22 -47.68 29.75
C GLN D 46 -24.67 -46.30 30.02
N LYS D 47 -23.75 -46.24 31.00
CA LYS D 47 -23.10 -44.99 31.40
C LYS D 47 -21.90 -44.68 30.50
N PHE D 48 -21.75 -43.42 30.17
CA PHE D 48 -20.57 -42.91 29.47
C PHE D 48 -19.51 -42.78 30.57
N PRO D 49 -18.31 -43.35 30.37
CA PRO D 49 -17.38 -43.53 31.48
C PRO D 49 -16.81 -42.23 32.03
N ILE D 50 -16.41 -41.33 31.13
CA ILE D 50 -15.91 -40.01 31.48
C ILE D 50 -17.06 -39.12 31.95
N GLN D 51 -16.91 -38.49 33.11
CA GLN D 51 -17.93 -37.57 33.61
C GLN D 51 -17.95 -36.22 32.86
N PHE D 52 -19.11 -35.95 32.27
CA PHE D 52 -19.29 -34.74 31.46
C PHE D 52 -19.74 -33.54 32.25
N VAL D 53 -19.26 -32.36 31.88
CA VAL D 53 -19.71 -31.16 32.56
C VAL D 53 -20.58 -30.40 31.59
N TRP D 54 -21.79 -30.10 32.04
CA TRP D 54 -22.71 -29.33 31.23
C TRP D 54 -22.26 -27.91 31.26
N LYS D 55 -22.45 -27.22 30.14
CA LYS D 55 -21.98 -25.84 30.02
C LYS D 55 -22.77 -25.15 28.95
N ARG D 56 -22.75 -23.83 29.01
CA ARG D 56 -23.44 -23.01 28.05
C ARG D 56 -22.45 -22.42 27.08
N PRO D 57 -22.87 -22.23 25.82
CA PRO D 57 -22.10 -21.61 24.74
C PRO D 57 -21.25 -20.41 25.18
N PRO D 58 -21.89 -19.40 25.84
CA PRO D 58 -21.14 -18.22 26.30
C PRO D 58 -20.07 -18.49 27.33
N GLU D 59 -20.27 -19.52 28.13
CA GLU D 59 -19.31 -19.91 29.16
C GLU D 59 -18.09 -20.52 28.49
N ILE D 60 -18.30 -21.18 27.33
CA ILE D 60 -17.24 -21.83 26.64
C ILE D 60 -16.30 -20.90 25.90
N CYS D 61 -16.89 -20.15 24.98
CA CYS D 61 -16.09 -19.22 24.16
C CYS D 61 -16.56 -17.78 24.26
N GLU D 62 -15.70 -16.88 23.80
CA GLU D 62 -15.89 -15.43 23.94
C GLU D 62 -17.04 -14.90 23.10
N ASN D 63 -17.07 -15.31 21.83
CA ASN D 63 -18.11 -14.89 20.93
C ASN D 63 -18.69 -16.12 20.26
N PRO D 64 -19.78 -16.61 20.82
CA PRO D 64 -20.48 -17.74 20.27
C PRO D 64 -21.60 -17.24 19.38
N ARG D 65 -21.77 -17.91 18.24
CA ARG D 65 -22.84 -17.52 17.32
C ARG D 65 -23.69 -18.72 16.97
N PHE D 66 -24.95 -18.47 16.68
CA PHE D 66 -25.84 -19.53 16.26
C PHE D 66 -25.40 -20.00 14.89
N ILE D 67 -25.49 -19.13 13.88
CA ILE D 67 -25.11 -19.48 12.53
C ILE D 67 -24.00 -18.57 12.01
N ILE D 68 -22.96 -19.20 11.46
CA ILE D 68 -21.86 -18.50 10.81
C ILE D 68 -21.78 -18.85 9.33
N ASP D 69 -21.79 -17.83 8.47
CA ASP D 69 -21.73 -17.97 7.00
C ASP D 69 -22.60 -19.12 6.44
N GLY D 70 -23.86 -19.13 6.86
CA GLY D 70 -24.83 -20.12 6.41
C GLY D 70 -24.80 -21.39 7.24
N ALA D 71 -25.97 -22.01 7.37
CA ALA D 71 -26.07 -23.37 7.87
C ALA D 71 -25.80 -24.26 6.69
N ASN D 72 -24.66 -24.93 6.69
CA ASN D 72 -24.34 -25.82 5.58
C ASN D 72 -23.65 -27.08 6.12
N ARG D 73 -23.36 -27.98 5.22
CA ARG D 73 -23.00 -29.33 5.59
C ARG D 73 -21.66 -29.44 6.29
N THR D 74 -20.77 -28.48 6.08
CA THR D 74 -19.50 -28.46 6.80
C THR D 74 -19.69 -28.15 8.28
N ASP D 75 -20.88 -27.70 8.68
CA ASP D 75 -21.19 -27.46 10.09
C ASP D 75 -21.59 -28.73 10.85
N ILE D 76 -21.64 -29.86 10.15
CA ILE D 76 -22.06 -31.11 10.76
C ILE D 76 -20.89 -32.08 10.88
N CYS D 77 -20.38 -32.22 12.10
CA CYS D 77 -19.25 -33.12 12.36
C CYS D 77 -19.53 -33.99 13.59
N GLN D 78 -19.57 -35.31 13.36
CA GLN D 78 -19.93 -36.27 14.40
C GLN D 78 -19.00 -36.22 15.60
N GLY D 79 -19.58 -36.41 16.78
CA GLY D 79 -18.81 -36.49 18.03
C GLY D 79 -18.67 -37.93 18.48
N GLU D 80 -18.62 -38.13 19.80
CA GLU D 80 -18.44 -39.47 20.37
C GLU D 80 -19.79 -40.10 20.71
N LEU D 81 -20.61 -40.21 19.67
CA LEU D 81 -21.90 -40.88 19.72
C LEU D 81 -22.18 -41.35 18.32
N GLY D 82 -22.64 -42.59 18.17
CA GLY D 82 -22.87 -43.15 16.85
C GLY D 82 -24.12 -42.74 16.12
N ASP D 83 -24.42 -41.45 16.03
CA ASP D 83 -25.65 -41.00 15.37
C ASP D 83 -25.51 -40.58 13.89
N CYS D 84 -24.77 -41.35 13.11
CA CYS D 84 -24.58 -41.02 11.70
C CYS D 84 -25.90 -40.88 10.94
N TRP D 85 -26.80 -41.82 11.18
CA TRP D 85 -28.08 -41.83 10.52
C TRP D 85 -28.84 -40.50 10.60
N PHE D 86 -28.60 -39.79 11.69
CA PHE D 86 -29.22 -38.52 11.94
C PHE D 86 -28.48 -37.36 11.27
N LEU D 87 -27.17 -37.36 11.41
CA LEU D 87 -26.33 -36.29 10.90
C LEU D 87 -26.27 -36.27 9.38
N ALA D 88 -26.24 -37.44 8.76
CA ALA D 88 -26.29 -37.54 7.30
C ALA D 88 -27.55 -36.91 6.72
N ALA D 89 -28.67 -37.04 7.44
CA ALA D 89 -29.92 -36.43 7.02
C ALA D 89 -29.94 -34.89 7.14
N ILE D 90 -29.32 -34.37 8.21
CA ILE D 90 -29.18 -32.92 8.34
C ILE D 90 -28.36 -32.38 7.17
N ALA D 91 -27.25 -33.06 6.87
CA ALA D 91 -26.37 -32.66 5.78
C ALA D 91 -27.12 -32.59 4.45
N CYS D 92 -27.91 -33.63 4.17
CA CYS D 92 -28.77 -33.66 2.98
C CYS D 92 -29.72 -32.48 2.97
N LEU D 93 -30.31 -32.19 4.13
CA LEU D 93 -31.27 -31.10 4.26
C LEU D 93 -30.70 -29.71 3.92
N THR D 94 -29.42 -29.48 4.23
CA THR D 94 -28.77 -28.20 3.91
C THR D 94 -28.60 -27.96 2.39
N LEU D 95 -28.73 -29.02 1.60
CA LEU D 95 -28.79 -28.90 0.15
C LEU D 95 -30.11 -28.30 -0.34
N ASN D 96 -31.11 -28.26 0.55
CA ASN D 96 -32.37 -27.58 0.26
C ASN D 96 -32.69 -26.51 1.33
N GLN D 97 -32.14 -25.32 1.11
CA GLN D 97 -32.15 -24.25 2.09
C GLN D 97 -33.56 -23.88 2.57
N HIS D 98 -34.51 -23.70 1.64
CA HIS D 98 -35.86 -23.31 2.04
C HIS D 98 -36.49 -24.33 2.97
N LEU D 99 -36.25 -25.61 2.71
CA LEU D 99 -36.71 -26.70 3.57
C LEU D 99 -36.06 -26.68 4.96
N LEU D 100 -34.78 -26.31 4.99
CA LEU D 100 -33.99 -26.23 6.22
C LEU D 100 -34.57 -25.23 7.23
N PHE D 101 -35.15 -24.15 6.74
CA PHE D 101 -35.65 -23.09 7.62
C PHE D 101 -36.99 -23.43 8.28
N ARG D 102 -37.61 -24.53 7.87
CA ARG D 102 -38.81 -25.04 8.53
C ARG D 102 -38.43 -25.74 9.84
N VAL D 103 -37.27 -26.39 9.81
CA VAL D 103 -36.72 -27.13 10.94
C VAL D 103 -36.03 -26.19 11.91
N ILE D 104 -35.24 -25.26 11.35
CA ILE D 104 -34.52 -24.29 12.16
C ILE D 104 -35.14 -22.90 12.01
N PRO D 105 -35.84 -22.41 13.05
CA PRO D 105 -36.30 -21.03 13.07
C PRO D 105 -35.10 -20.10 13.17
N HIS D 106 -35.01 -19.18 12.23
CA HIS D 106 -33.78 -18.43 11.97
C HIS D 106 -33.52 -17.17 12.77
N ASP D 107 -34.55 -16.70 13.46
CA ASP D 107 -34.42 -15.53 14.34
C ASP D 107 -34.00 -15.96 15.76
N GLN D 108 -32.82 -16.55 15.86
CA GLN D 108 -32.27 -16.96 17.16
C GLN D 108 -30.83 -16.48 17.27
N SER D 109 -30.45 -15.98 18.45
CA SER D 109 -29.16 -15.33 18.61
C SER D 109 -28.56 -15.41 20.02
N PHE D 110 -27.24 -15.26 20.07
CA PHE D 110 -26.50 -15.15 21.31
C PHE D 110 -26.20 -13.69 21.67
N ILE D 111 -26.29 -12.79 20.70
CA ILE D 111 -25.98 -11.38 20.89
C ILE D 111 -27.22 -10.47 20.99
N GLU D 112 -28.40 -11.00 20.66
CA GLU D 112 -29.63 -10.24 20.82
C GLU D 112 -30.70 -11.06 21.55
N ASN D 113 -31.28 -10.45 22.59
CA ASN D 113 -32.35 -11.02 23.44
C ASN D 113 -32.04 -12.42 23.93
N TYR D 114 -30.77 -12.63 24.31
CA TYR D 114 -30.29 -13.96 24.69
C TYR D 114 -30.80 -14.33 26.07
N ALA D 115 -31.46 -15.49 26.15
CA ALA D 115 -32.02 -15.94 27.41
C ALA D 115 -31.76 -17.43 27.67
N GLY D 116 -30.69 -17.95 27.07
CA GLY D 116 -30.34 -19.38 27.16
C GLY D 116 -31.40 -20.39 26.76
N ILE D 117 -32.28 -19.95 25.84
CA ILE D 117 -33.39 -20.78 25.36
C ILE D 117 -33.44 -20.75 23.82
N PHE D 118 -33.56 -21.94 23.23
CA PHE D 118 -33.66 -22.09 21.77
C PHE D 118 -34.75 -23.14 21.43
N HIS D 119 -35.11 -23.20 20.16
CA HIS D 119 -36.16 -24.13 19.69
C HIS D 119 -36.04 -24.56 18.22
N PHE D 120 -36.58 -25.74 17.93
CA PHE D 120 -36.54 -26.36 16.61
C PHE D 120 -37.88 -27.04 16.29
N GLN D 121 -38.13 -27.27 15.01
CA GLN D 121 -39.36 -27.88 14.57
C GLN D 121 -39.13 -29.21 13.87
N PHE D 122 -39.94 -30.20 14.24
CA PHE D 122 -39.91 -31.50 13.61
C PHE D 122 -41.30 -31.93 13.17
N TRP D 123 -41.34 -32.74 12.11
CA TRP D 123 -42.57 -33.32 11.58
C TRP D 123 -42.87 -34.65 12.27
N ARG D 124 -43.96 -34.66 13.04
CA ARG D 124 -44.35 -35.82 13.84
C ARG D 124 -45.84 -36.08 13.73
N TYR D 125 -46.16 -37.30 13.29
CA TYR D 125 -47.53 -37.76 13.14
C TYR D 125 -48.38 -36.74 12.37
N GLY D 126 -47.93 -36.42 11.16
CA GLY D 126 -48.64 -35.53 10.25
C GLY D 126 -48.70 -34.04 10.58
N GLU D 127 -47.84 -33.55 11.49
CA GLU D 127 -47.82 -32.12 11.83
C GLU D 127 -46.49 -31.60 12.37
N TRP D 128 -46.21 -30.31 12.13
CA TRP D 128 -45.06 -29.64 12.73
C TRP D 128 -45.23 -29.46 14.23
N VAL D 129 -44.25 -29.94 14.98
CA VAL D 129 -44.24 -29.79 16.44
C VAL D 129 -42.97 -29.02 16.85
N ASP D 130 -43.12 -28.16 17.84
CA ASP D 130 -42.02 -27.31 18.28
C ASP D 130 -41.35 -27.94 19.52
N VAL D 131 -40.03 -27.97 19.52
CA VAL D 131 -39.25 -28.57 20.60
C VAL D 131 -38.38 -27.49 21.24
N VAL D 132 -38.52 -27.29 22.56
CA VAL D 132 -37.83 -26.22 23.28
C VAL D 132 -36.69 -26.79 24.13
N ILE D 133 -35.53 -26.16 24.05
CA ILE D 133 -34.36 -26.59 24.83
C ILE D 133 -33.68 -25.44 25.56
N ASP D 134 -33.05 -25.75 26.68
CA ASP D 134 -32.03 -24.86 27.27
C ASP D 134 -30.74 -25.10 26.50
N ASP D 135 -29.84 -24.14 26.52
CA ASP D 135 -28.60 -24.25 25.74
C ASP D 135 -27.48 -25.02 26.40
N CYS D 136 -27.70 -25.62 27.57
CA CYS D 136 -26.60 -26.35 28.21
C CYS D 136 -26.22 -27.56 27.37
N LEU D 137 -24.93 -27.72 27.10
CA LEU D 137 -24.45 -28.83 26.32
C LEU D 137 -23.36 -29.58 27.04
N PRO D 138 -23.24 -30.89 26.74
CA PRO D 138 -22.22 -31.74 27.37
C PRO D 138 -20.82 -31.45 26.83
N THR D 139 -19.87 -31.28 27.73
CA THR D 139 -18.49 -30.97 27.38
C THR D 139 -17.48 -31.70 28.25
N TYR D 140 -16.25 -31.79 27.76
CA TYR D 140 -15.12 -32.30 28.53
C TYR D 140 -13.92 -31.43 28.17
N ASN D 141 -13.18 -31.01 29.20
CA ASN D 141 -12.08 -30.05 29.06
C ASN D 141 -12.52 -28.79 28.29
N ASN D 142 -13.73 -28.36 28.59
CA ASN D 142 -14.36 -27.21 27.95
C ASN D 142 -14.43 -27.29 26.41
N GLN D 143 -14.65 -28.50 25.90
CA GLN D 143 -14.90 -28.72 24.47
C GLN D 143 -16.01 -29.75 24.28
N LEU D 144 -16.78 -29.58 23.22
CA LEU D 144 -17.98 -30.39 22.98
C LEU D 144 -17.63 -31.85 22.77
N VAL D 145 -18.44 -32.74 23.33
CA VAL D 145 -18.21 -34.17 23.18
C VAL D 145 -19.02 -34.75 22.02
N PHE D 146 -20.16 -34.15 21.73
CA PHE D 146 -21.03 -34.64 20.69
C PHE D 146 -20.90 -33.80 19.44
N THR D 147 -21.92 -33.82 18.57
CA THR D 147 -21.86 -33.12 17.29
C THR D 147 -21.48 -31.66 17.48
N LYS D 148 -20.61 -31.19 16.59
CA LYS D 148 -20.06 -29.84 16.63
C LYS D 148 -19.94 -29.34 15.19
N SER D 149 -19.85 -28.02 15.04
CA SER D 149 -19.57 -27.43 13.75
C SER D 149 -18.07 -27.42 13.53
N ASN D 150 -17.67 -27.34 12.26
CA ASN D 150 -16.24 -27.24 11.94
C ASN D 150 -15.65 -25.91 12.45
N HIS D 151 -16.48 -24.86 12.49
CA HIS D 151 -16.06 -23.59 13.08
C HIS D 151 -16.34 -23.66 14.58
N ARG D 152 -15.34 -23.42 15.40
CA ARG D 152 -15.43 -23.52 16.85
C ARG D 152 -16.54 -22.67 17.48
N ASN D 153 -16.88 -21.55 16.86
CA ASN D 153 -17.87 -20.64 17.41
C ASN D 153 -19.34 -20.87 16.99
N GLU D 154 -19.57 -21.84 16.10
CA GLU D 154 -20.90 -22.07 15.56
C GLU D 154 -21.59 -23.15 16.39
N PHE D 155 -22.83 -22.89 16.79
CA PHE D 155 -23.54 -23.76 17.71
C PHE D 155 -24.90 -24.33 17.27
N TRP D 156 -25.37 -23.96 16.09
CA TRP D 156 -26.71 -24.38 15.66
C TRP D 156 -26.85 -25.90 15.60
N SER D 157 -25.83 -26.56 15.08
CA SER D 157 -25.87 -28.00 14.86
C SER D 157 -25.83 -28.78 16.17
N ALA D 158 -25.00 -28.31 17.11
CA ALA D 158 -24.92 -28.90 18.45
C ALA D 158 -26.26 -28.81 19.19
N LEU D 159 -26.91 -27.67 19.03
CA LEU D 159 -28.22 -27.45 19.62
C LEU D 159 -29.32 -28.29 18.98
N LEU D 160 -29.29 -28.40 17.65
CA LEU D 160 -30.27 -29.20 16.90
C LEU D 160 -30.23 -30.66 17.35
N GLU D 161 -29.01 -31.20 17.48
CA GLU D 161 -28.78 -32.56 17.96
C GLU D 161 -29.41 -32.74 19.34
N LYS D 162 -29.16 -31.78 20.23
CA LYS D 162 -29.74 -31.82 21.57
C LYS D 162 -31.26 -31.92 21.49
N ALA D 163 -31.88 -31.07 20.67
CA ALA D 163 -33.33 -31.08 20.53
C ALA D 163 -33.85 -32.45 20.09
N TYR D 164 -33.17 -33.05 19.11
CA TYR D 164 -33.54 -34.36 18.63
C TYR D 164 -33.31 -35.44 19.69
N ALA D 165 -32.26 -35.27 20.49
CA ALA D 165 -32.03 -36.16 21.62
C ALA D 165 -33.19 -36.06 22.61
N LYS D 166 -33.63 -34.84 22.93
CA LYS D 166 -34.79 -34.64 23.80
C LYS D 166 -36.03 -35.34 23.26
N LEU D 167 -36.24 -35.23 21.95
CA LEU D 167 -37.35 -35.90 21.29
C LEU D 167 -37.33 -37.42 21.48
N HIS D 168 -36.14 -38.00 21.64
CA HIS D 168 -35.98 -39.44 21.89
C HIS D 168 -35.65 -39.81 23.35
N GLY D 169 -35.70 -38.83 24.25
CA GLY D 169 -35.57 -39.09 25.68
C GLY D 169 -34.15 -39.04 26.25
N SER D 170 -33.16 -39.26 25.40
CA SER D 170 -31.74 -39.22 25.80
C SER D 170 -30.81 -39.15 24.60
N TYR D 171 -29.59 -38.66 24.84
CA TYR D 171 -28.52 -38.79 23.86
C TYR D 171 -28.27 -40.26 23.49
N GLU D 172 -28.23 -41.14 24.50
CA GLU D 172 -27.98 -42.58 24.28
C GLU D 172 -28.96 -43.21 23.29
N ALA D 173 -30.22 -42.75 23.34
CA ALA D 173 -31.27 -43.22 22.45
C ALA D 173 -31.01 -43.01 20.95
N LEU D 174 -30.05 -42.14 20.62
CA LEU D 174 -29.71 -41.86 19.24
C LEU D 174 -28.63 -42.79 18.66
N LYS D 175 -28.17 -43.72 19.48
CA LYS D 175 -27.10 -44.63 19.12
C LYS D 175 -27.53 -45.68 18.13
N GLY D 176 -27.74 -45.26 16.89
CA GLY D 176 -28.08 -46.20 15.84
C GLY D 176 -29.54 -46.10 15.46
N GLY D 177 -29.79 -46.09 14.16
CA GLY D 177 -31.14 -45.95 13.63
C GLY D 177 -31.07 -45.89 12.12
N ASN D 178 -32.18 -45.54 11.49
CA ASN D 178 -32.20 -45.47 10.06
C ASN D 178 -32.38 -44.03 9.68
N THR D 179 -31.64 -43.58 8.70
CA THR D 179 -31.69 -42.18 8.32
C THR D 179 -33.05 -41.73 7.89
N THR D 180 -33.74 -42.60 7.13
CA THR D 180 -35.08 -42.33 6.62
C THR D 180 -35.94 -41.79 7.69
N GLU D 181 -35.72 -42.30 8.90
CA GLU D 181 -36.49 -41.80 10.05
C GLU D 181 -36.30 -40.28 10.20
N ALA D 182 -35.05 -39.83 10.17
CA ALA D 182 -34.70 -38.42 10.30
C ALA D 182 -35.17 -37.59 9.12
N MET D 183 -35.06 -38.14 7.92
CA MET D 183 -35.48 -37.48 6.71
C MET D 183 -36.94 -37.11 6.81
N GLU D 184 -37.74 -38.10 7.15
CA GLU D 184 -39.18 -37.89 7.29
C GLU D 184 -39.50 -36.90 8.41
N ASP D 185 -38.75 -36.97 9.51
CA ASP D 185 -38.88 -36.01 10.62
C ASP D 185 -38.53 -34.56 10.23
N PHE D 186 -37.74 -34.38 9.18
CA PHE D 186 -37.37 -33.04 8.69
C PHE D 186 -38.24 -32.53 7.55
N THR D 187 -38.89 -33.43 6.82
CA THR D 187 -39.59 -33.04 5.58
C THR D 187 -41.07 -33.37 5.57
N GLY D 188 -41.44 -34.47 6.21
CA GLY D 188 -42.79 -35.02 6.08
C GLY D 188 -43.03 -35.65 4.74
N GLY D 189 -41.94 -36.03 4.07
CA GLY D 189 -42.02 -36.73 2.79
C GLY D 189 -42.16 -38.23 3.00
N VAL D 190 -42.08 -38.96 1.89
CA VAL D 190 -42.25 -40.41 1.87
C VAL D 190 -40.93 -41.08 1.42
N ALA D 191 -40.40 -41.93 2.30
CA ALA D 191 -39.14 -42.64 2.04
C ALA D 191 -39.31 -43.82 1.06
N GLU D 192 -38.26 -44.06 0.29
CA GLU D 192 -38.19 -45.16 -0.66
C GLU D 192 -36.87 -45.86 -0.47
N PHE D 193 -36.79 -47.14 -0.77
CA PHE D 193 -35.55 -47.90 -0.60
C PHE D 193 -35.13 -48.62 -1.85
N PHE D 194 -33.86 -48.52 -2.24
CA PHE D 194 -33.40 -49.19 -3.45
C PHE D 194 -32.23 -50.06 -3.09
N GLU D 195 -32.24 -51.29 -3.58
CA GLU D 195 -31.11 -52.18 -3.34
C GLU D 195 -30.23 -52.01 -4.55
N ILE D 196 -28.99 -51.57 -4.32
CA ILE D 196 -28.15 -51.05 -5.40
C ILE D 196 -27.82 -52.17 -6.39
N ARG D 197 -27.63 -53.38 -5.92
CA ARG D 197 -27.41 -54.50 -6.84
C ARG D 197 -28.60 -54.75 -7.80
N ASP D 198 -29.83 -54.64 -7.31
CA ASP D 198 -31.03 -54.75 -8.14
C ASP D 198 -31.43 -53.49 -8.90
N ALA D 199 -30.61 -52.46 -8.83
CA ALA D 199 -30.86 -51.17 -9.46
C ALA D 199 -31.01 -51.30 -10.96
N PRO D 200 -32.11 -50.76 -11.52
CA PRO D 200 -32.32 -50.67 -12.98
C PRO D 200 -31.28 -49.83 -13.71
N SER D 201 -31.18 -50.00 -15.03
CA SER D 201 -30.12 -49.36 -15.84
C SER D 201 -30.12 -47.81 -15.80
N ASP D 202 -31.27 -47.23 -15.48
CA ASP D 202 -31.51 -45.79 -15.51
C ASP D 202 -31.43 -45.14 -14.12
N MET D 203 -30.85 -45.85 -13.16
CA MET D 203 -30.84 -45.37 -11.77
C MET D 203 -30.14 -44.03 -11.65
N TYR D 204 -29.06 -43.82 -12.39
CA TYR D 204 -28.35 -42.55 -12.37
C TYR D 204 -29.31 -41.42 -12.64
N LYS D 205 -30.13 -41.62 -13.66
CA LYS D 205 -31.14 -40.65 -14.04
C LYS D 205 -32.17 -40.45 -12.92
N ILE D 206 -32.60 -41.52 -12.27
CA ILE D 206 -33.54 -41.46 -11.15
C ILE D 206 -32.97 -40.62 -10.00
N MET D 207 -31.74 -40.96 -9.62
CA MET D 207 -31.01 -40.27 -8.58
C MET D 207 -30.98 -38.80 -8.92
N LYS D 208 -30.54 -38.51 -10.14
CA LYS D 208 -30.44 -37.16 -10.64
C LYS D 208 -31.73 -36.39 -10.50
N LYS D 209 -32.83 -36.93 -11.03
CA LYS D 209 -34.15 -36.27 -10.93
C LYS D 209 -34.53 -35.93 -9.47
N ALA D 210 -34.20 -36.85 -8.55
CA ALA D 210 -34.43 -36.66 -7.12
C ALA D 210 -33.67 -35.46 -6.54
N ILE D 211 -32.38 -35.36 -6.87
CA ILE D 211 -31.55 -34.25 -6.39
C ILE D 211 -32.00 -32.88 -6.97
N GLU D 212 -32.40 -32.85 -8.24
CA GLU D 212 -32.90 -31.63 -8.87
C GLU D 212 -34.22 -31.17 -8.24
N ARG D 213 -34.97 -32.12 -7.70
CA ARG D 213 -36.27 -31.84 -7.09
C ARG D 213 -36.14 -31.39 -5.64
N GLY D 214 -34.93 -31.48 -5.09
CA GLY D 214 -34.65 -31.11 -3.71
C GLY D 214 -34.90 -32.22 -2.70
N SER D 215 -35.16 -33.41 -3.20
CA SER D 215 -35.32 -34.60 -2.36
C SER D 215 -34.00 -35.02 -1.74
N LEU D 216 -34.07 -35.63 -0.58
CA LEU D 216 -32.86 -36.05 0.13
C LEU D 216 -32.54 -37.49 -0.14
N MET D 217 -31.27 -37.77 -0.34
CA MET D 217 -30.85 -39.17 -0.53
C MET D 217 -29.59 -39.51 0.20
N GLY D 218 -29.65 -40.62 0.94
CA GLY D 218 -28.52 -41.14 1.71
C GLY D 218 -28.21 -42.53 1.23
N CYS D 219 -27.10 -43.08 1.68
CA CYS D 219 -26.67 -44.40 1.23
C CYS D 219 -25.77 -45.06 2.23
N SER D 220 -25.62 -46.37 2.13
CA SER D 220 -24.80 -47.13 3.07
C SER D 220 -24.33 -48.48 2.51
N ILE D 221 -23.22 -48.95 3.06
CA ILE D 221 -22.58 -50.19 2.67
C ILE D 221 -22.62 -51.04 3.92
N ASP D 222 -23.08 -52.29 3.83
CA ASP D 222 -23.31 -53.11 5.01
C ASP D 222 -22.48 -54.35 5.25
N ASP D 223 -22.17 -54.55 6.53
CA ASP D 223 -21.62 -55.80 7.10
C ASP D 223 -20.27 -56.36 6.58
N TYR D 277 -9.93 -40.52 15.26
CA TYR D 277 -10.69 -41.37 14.34
C TYR D 277 -9.80 -41.94 13.22
N GLU D 278 -10.16 -43.14 12.78
CA GLU D 278 -9.41 -43.87 11.74
C GLU D 278 -10.33 -44.75 10.87
N THR D 279 -9.91 -44.96 9.62
CA THR D 279 -10.66 -45.63 8.54
C THR D 279 -11.17 -47.04 8.85
N ARG D 280 -12.25 -47.47 8.20
CA ARG D 280 -12.63 -48.88 8.30
C ARG D 280 -12.00 -49.69 7.16
N MET D 281 -12.26 -49.31 5.91
CA MET D 281 -11.84 -50.13 4.76
C MET D 281 -10.59 -49.56 4.07
N ALA D 282 -9.88 -50.43 3.37
CA ALA D 282 -8.70 -50.06 2.57
C ALA D 282 -8.98 -48.91 1.61
N CYS D 283 -10.15 -48.96 0.96
CA CYS D 283 -10.56 -48.00 -0.05
C CYS D 283 -11.05 -46.62 0.46
N GLY D 284 -11.08 -46.43 1.77
CA GLY D 284 -11.47 -45.15 2.38
C GLY D 284 -12.90 -45.07 2.85
N LEU D 285 -13.74 -46.02 2.40
CA LEU D 285 -15.13 -46.08 2.81
C LEU D 285 -15.31 -46.73 4.19
N VAL D 286 -16.46 -46.47 4.81
CA VAL D 286 -16.80 -47.04 6.12
C VAL D 286 -18.07 -47.89 5.99
N ARG D 287 -18.05 -49.09 6.57
CA ARG D 287 -19.18 -50.00 6.54
C ARG D 287 -20.16 -49.71 7.68
N GLY D 288 -21.43 -50.00 7.40
CA GLY D 288 -22.51 -49.76 8.32
C GLY D 288 -22.51 -48.31 8.68
N HIS D 289 -22.45 -47.45 7.66
CA HIS D 289 -22.28 -46.04 7.94
C HIS D 289 -23.02 -45.20 6.96
N ALA D 290 -23.85 -44.29 7.47
CA ALA D 290 -24.66 -43.46 6.60
C ALA D 290 -23.87 -42.35 5.95
N TYR D 291 -23.98 -42.30 4.63
CA TYR D 291 -23.35 -41.26 3.83
C TYR D 291 -24.43 -40.36 3.24
N SER D 292 -24.09 -39.10 3.02
CA SER D 292 -24.98 -38.15 2.36
C SER D 292 -24.62 -38.07 0.89
N VAL D 293 -25.63 -38.07 0.04
CA VAL D 293 -25.41 -37.87 -1.38
C VAL D 293 -25.62 -36.39 -1.58
N THR D 294 -24.60 -35.73 -2.12
CA THR D 294 -24.57 -34.27 -2.23
C THR D 294 -24.40 -33.73 -3.62
N GLY D 295 -24.23 -34.61 -4.61
CA GLY D 295 -24.07 -34.13 -5.97
C GLY D 295 -24.06 -35.21 -7.01
N LEU D 296 -24.46 -34.85 -8.23
CA LEU D 296 -24.50 -35.77 -9.35
C LEU D 296 -24.22 -35.06 -10.63
N ASP D 297 -23.14 -35.43 -11.33
CA ASP D 297 -22.83 -34.77 -12.59
C ASP D 297 -22.08 -35.60 -13.60
N GLU D 298 -22.12 -35.14 -14.84
CA GLU D 298 -21.39 -35.70 -15.96
C GLU D 298 -20.24 -34.75 -16.31
N VAL D 299 -19.10 -35.37 -16.55
CA VAL D 299 -17.87 -34.69 -16.86
C VAL D 299 -17.35 -35.25 -18.21
N PRO D 300 -16.68 -34.40 -18.98
CA PRO D 300 -16.15 -34.83 -20.26
C PRO D 300 -14.82 -35.55 -20.06
N PHE D 301 -14.84 -36.86 -20.07
CA PHE D 301 -13.63 -37.66 -19.86
C PHE D 301 -13.28 -38.43 -21.11
N LYS D 302 -12.05 -38.21 -21.59
CA LYS D 302 -11.55 -38.86 -22.82
C LYS D 302 -12.53 -38.70 -23.97
N GLY D 303 -13.03 -37.48 -24.17
CA GLY D 303 -13.98 -37.18 -25.24
C GLY D 303 -15.43 -37.60 -25.02
N GLU D 304 -15.74 -38.22 -23.90
CA GLU D 304 -17.09 -38.70 -23.62
C GLU D 304 -17.53 -38.31 -22.21
N LYS D 305 -18.77 -38.63 -21.87
CA LYS D 305 -19.29 -38.21 -20.54
C LYS D 305 -19.11 -39.30 -19.51
N VAL D 306 -18.44 -38.97 -18.41
CA VAL D 306 -18.29 -39.88 -17.30
C VAL D 306 -19.22 -39.43 -16.18
N LYS D 307 -20.14 -40.32 -15.80
CA LYS D 307 -21.15 -40.04 -14.75
C LYS D 307 -20.49 -40.14 -13.36
N LEU D 308 -20.69 -39.09 -12.57
CA LEU D 308 -20.12 -38.97 -11.25
C LEU D 308 -21.15 -38.89 -10.16
N VAL D 309 -20.68 -39.07 -8.93
CA VAL D 309 -21.52 -39.05 -7.73
C VAL D 309 -20.71 -38.48 -6.61
N ARG D 310 -21.26 -37.49 -5.91
CA ARG D 310 -20.58 -36.87 -4.75
C ARG D 310 -21.20 -37.29 -3.42
N LEU D 311 -20.34 -37.68 -2.49
CA LEU D 311 -20.78 -38.16 -1.18
C LEU D 311 -20.08 -37.45 -0.03
N ARG D 312 -20.73 -37.43 1.14
CA ARG D 312 -20.17 -36.84 2.35
C ARG D 312 -20.29 -37.74 3.58
N ASN D 313 -19.15 -38.06 4.18
CA ASN D 313 -19.10 -38.75 5.46
C ASN D 313 -19.37 -37.77 6.62
N PRO D 314 -20.47 -37.97 7.37
CA PRO D 314 -20.83 -37.07 8.47
C PRO D 314 -19.77 -36.93 9.56
N TRP D 315 -18.70 -37.70 9.47
CA TRP D 315 -17.61 -37.56 10.42
C TRP D 315 -16.82 -36.34 10.00
N GLY D 316 -16.70 -36.16 8.69
CA GLY D 316 -15.95 -35.06 8.16
C GLY D 316 -14.47 -35.34 8.11
N GLN D 317 -14.05 -36.56 8.36
CA GLN D 317 -12.60 -36.79 8.35
C GLN D 317 -12.03 -37.85 7.42
N VAL D 318 -12.80 -38.80 6.95
CA VAL D 318 -12.20 -39.83 6.11
C VAL D 318 -12.98 -40.06 4.83
N GLU D 319 -12.30 -40.02 3.69
CA GLU D 319 -12.98 -40.23 2.41
C GLU D 319 -12.35 -41.30 1.53
N TRP D 320 -13.04 -41.59 0.42
CA TRP D 320 -12.61 -42.50 -0.63
C TRP D 320 -11.27 -42.07 -1.19
N ASN D 321 -10.40 -43.04 -1.43
CA ASN D 321 -9.06 -42.79 -1.93
C ASN D 321 -8.85 -43.34 -3.36
N GLY D 322 -9.92 -43.74 -4.02
CA GLY D 322 -9.84 -44.34 -5.34
C GLY D 322 -9.95 -43.30 -6.45
N SER D 323 -10.47 -43.72 -7.60
CA SER D 323 -10.71 -42.88 -8.76
C SER D 323 -11.65 -41.71 -8.49
N TRP D 324 -11.31 -40.54 -8.98
CA TRP D 324 -12.04 -39.28 -8.75
C TRP D 324 -12.03 -38.72 -7.32
N SER D 325 -11.28 -39.36 -6.42
CA SER D 325 -11.01 -38.82 -5.08
C SER D 325 -10.18 -37.55 -5.16
N ASP D 326 -10.03 -36.87 -4.02
CA ASP D 326 -9.33 -35.58 -3.94
C ASP D 326 -7.95 -35.58 -4.62
N ARG D 327 -7.09 -36.53 -4.27
CA ARG D 327 -5.69 -36.52 -4.73
C ARG D 327 -5.40 -37.34 -5.99
N TRP D 328 -6.46 -37.85 -6.63
CA TRP D 328 -6.34 -38.64 -7.85
C TRP D 328 -5.61 -37.84 -8.92
N LYS D 329 -4.67 -38.49 -9.56
CA LYS D 329 -3.81 -37.73 -10.51
C LYS D 329 -4.47 -37.46 -11.85
N ASP D 330 -5.40 -38.32 -12.27
CA ASP D 330 -6.04 -38.09 -13.57
C ASP D 330 -6.98 -36.90 -13.60
N TRP D 331 -7.16 -36.24 -12.44
CA TRP D 331 -7.83 -34.93 -12.39
C TRP D 331 -7.21 -33.98 -13.44
N SER D 332 -5.95 -34.19 -13.77
CA SER D 332 -5.29 -33.59 -14.94
C SER D 332 -6.05 -33.68 -16.27
N PHE D 333 -6.79 -34.76 -16.49
CA PHE D 333 -7.46 -35.02 -17.76
C PHE D 333 -8.78 -34.33 -18.15
N VAL D 334 -9.15 -33.24 -17.50
CA VAL D 334 -10.38 -32.54 -17.85
C VAL D 334 -10.33 -31.05 -17.48
N ASP D 335 -10.64 -30.22 -18.47
CA ASP D 335 -10.60 -28.76 -18.38
C ASP D 335 -10.96 -28.05 -17.06
N LYS D 336 -10.15 -27.07 -16.74
CA LYS D 336 -10.22 -26.29 -15.51
C LYS D 336 -11.59 -25.82 -15.11
N ASP D 337 -12.40 -25.34 -16.05
CA ASP D 337 -13.75 -24.88 -15.67
C ASP D 337 -14.57 -25.99 -14.98
N GLU D 338 -14.50 -27.21 -15.44
CA GLU D 338 -15.23 -28.26 -14.81
C GLU D 338 -14.77 -28.49 -13.39
N LYS D 339 -13.47 -28.42 -13.13
CA LYS D 339 -12.98 -28.55 -11.75
C LYS D 339 -13.62 -27.42 -10.93
N ALA D 340 -13.76 -26.24 -11.56
CA ALA D 340 -14.38 -25.12 -10.88
C ALA D 340 -15.88 -25.34 -10.67
N ARG D 341 -16.60 -25.78 -11.70
CA ARG D 341 -18.06 -26.01 -11.62
C ARG D 341 -18.43 -27.09 -10.60
N LEU D 342 -17.60 -28.11 -10.53
CA LEU D 342 -17.80 -29.24 -9.62
C LEU D 342 -17.15 -28.92 -8.25
N GLN D 343 -16.59 -27.71 -8.15
CA GLN D 343 -15.95 -27.17 -6.98
C GLN D 343 -14.93 -28.14 -6.38
N HIS D 344 -14.11 -28.71 -7.24
CA HIS D 344 -13.12 -29.70 -6.85
C HIS D 344 -12.00 -29.01 -6.04
N GLN D 345 -11.70 -29.63 -4.91
CA GLN D 345 -10.76 -29.12 -3.90
C GLN D 345 -10.11 -30.29 -3.18
N VAL D 346 -8.80 -30.18 -2.94
CA VAL D 346 -8.11 -31.16 -2.12
C VAL D 346 -8.21 -30.70 -0.67
N THR D 347 -9.22 -31.22 0.02
CA THR D 347 -9.57 -30.81 1.37
C THR D 347 -10.15 -32.01 2.13
N GLU D 348 -9.65 -32.19 3.35
CA GLU D 348 -10.11 -33.25 4.20
C GLU D 348 -11.44 -32.91 4.80
N ASP D 349 -12.36 -32.44 3.98
CA ASP D 349 -13.67 -32.06 4.48
C ASP D 349 -14.61 -33.23 4.86
N GLY D 350 -14.48 -34.36 4.19
CA GLY D 350 -15.37 -35.49 4.45
C GLY D 350 -16.27 -35.76 3.26
N GLU D 351 -16.04 -34.97 2.22
CA GLU D 351 -16.73 -34.99 0.96
C GLU D 351 -15.79 -35.34 -0.20
N PHE D 352 -16.30 -36.06 -1.20
CA PHE D 352 -15.49 -36.55 -2.31
C PHE D 352 -16.37 -36.98 -3.48
N TRP D 353 -15.80 -36.97 -4.67
CA TRP D 353 -16.49 -37.43 -5.88
C TRP D 353 -16.01 -38.83 -6.15
N MET D 354 -16.89 -39.65 -6.71
CA MET D 354 -16.56 -40.99 -7.20
C MET D 354 -17.35 -41.28 -8.47
N SER D 355 -16.84 -42.21 -9.29
CA SER D 355 -17.55 -42.65 -10.51
C SER D 355 -18.86 -43.33 -10.16
N TYR D 356 -19.88 -43.17 -11.02
CA TYR D 356 -21.15 -43.88 -10.85
C TYR D 356 -20.94 -45.39 -10.77
N GLU D 357 -20.04 -45.89 -11.61
CA GLU D 357 -19.73 -47.32 -11.68
C GLU D 357 -19.16 -47.85 -10.35
N ASP D 358 -18.17 -47.15 -9.79
CA ASP D 358 -17.61 -47.54 -8.49
C ASP D 358 -18.66 -47.42 -7.39
N PHE D 359 -19.50 -46.39 -7.46
CA PHE D 359 -20.55 -46.18 -6.48
C PHE D 359 -21.46 -47.38 -6.40
N ILE D 360 -22.00 -47.77 -7.54
CA ILE D 360 -22.90 -48.93 -7.67
C ILE D 360 -22.22 -50.22 -7.21
N TYR D 361 -20.92 -50.32 -7.51
CA TYR D 361 -20.10 -51.46 -7.15
C TYR D 361 -19.93 -51.63 -5.62
N HIS D 362 -19.70 -50.53 -4.90
CA HIS D 362 -19.41 -50.61 -3.47
C HIS D 362 -20.63 -50.49 -2.55
N PHE D 363 -21.54 -49.58 -2.88
CA PHE D 363 -22.69 -49.32 -2.03
C PHE D 363 -23.80 -50.31 -2.29
N THR D 364 -24.56 -50.61 -1.24
CA THR D 364 -25.57 -51.67 -1.29
C THR D 364 -27.00 -51.17 -1.06
N LYS D 365 -27.17 -50.05 -0.39
CA LYS D 365 -28.51 -49.55 -0.20
C LYS D 365 -28.61 -48.07 -0.41
N LEU D 366 -29.56 -47.67 -1.24
CA LEU D 366 -29.79 -46.26 -1.52
C LEU D 366 -31.18 -45.91 -1.06
N GLU D 367 -31.30 -44.83 -0.33
CA GLU D 367 -32.59 -44.43 0.20
C GLU D 367 -32.85 -42.99 -0.10
N ILE D 368 -34.06 -42.70 -0.54
CA ILE D 368 -34.47 -41.35 -0.90
C ILE D 368 -35.77 -41.06 -0.18
N CYS D 369 -35.98 -39.81 0.17
CA CYS D 369 -37.23 -39.38 0.78
C CYS D 369 -37.67 -38.21 -0.02
N ASN D 370 -38.63 -38.42 -0.91
CA ASN D 370 -39.03 -37.32 -1.84
C ASN D 370 -40.28 -36.68 -1.36
N LEU D 371 -40.28 -35.36 -1.29
CA LEU D 371 -41.43 -34.57 -0.86
C LEU D 371 -42.63 -34.75 -1.80
C ACE E 1 5.94 -6.29 -4.11
O ACE E 1 6.25 -5.16 -4.47
CH3 ACE E 1 5.41 -7.33 -5.09
N LEU E 2 6.05 -6.65 -2.84
CA LEU E 2 6.70 -5.71 -1.94
C LEU E 2 8.15 -5.72 -2.33
N LEU E 3 8.75 -4.54 -2.39
CA LEU E 3 10.13 -4.44 -2.78
C LEU E 3 11.10 -4.33 -1.63
N AR7 E 4 12.18 -5.07 -1.75
CA AR7 E 4 13.41 -4.84 -1.00
C AR7 E 4 14.43 -4.35 -1.98
O AR7 E 4 15.92 -4.55 -1.81
CB AR7 E 4 13.78 -6.20 -0.41
CG AR7 E 4 12.52 -6.88 0.14
CD AR7 E 4 12.79 -8.19 0.87
NE AR7 E 4 14.19 -8.19 1.27
CZ AR7 E 4 14.85 -9.16 1.72
NH1 AR7 E 4 14.29 -10.28 1.85
NH2 AR7 E 4 16.07 -9.02 2.03
C ACE F 1 41.84 47.08 -4.43
O ACE F 1 41.87 45.93 -3.95
CH3 ACE F 1 41.72 48.27 -3.51
N LEU F 2 41.83 47.16 -5.70
CA LEU F 2 40.65 46.68 -6.43
C LEU F 2 41.02 45.34 -7.07
N LEU F 3 40.09 44.39 -6.97
CA LEU F 3 40.29 43.07 -7.54
C LEU F 3 39.35 42.84 -8.71
N AR7 F 4 39.81 42.07 -9.69
CA AR7 F 4 38.99 41.64 -10.80
C AR7 F 4 39.23 40.18 -11.01
O AR7 F 4 39.00 39.51 -12.34
CB AR7 F 4 39.36 42.43 -12.04
CG AR7 F 4 38.91 43.87 -11.90
CD AR7 F 4 39.10 44.64 -13.20
NE AR7 F 4 38.40 43.89 -14.22
CZ AR7 F 4 38.06 44.27 -15.38
NH1 AR7 F 4 37.45 43.47 -16.15
NH2 AR7 F 4 38.28 45.42 -15.83
C ACE G 1 -17.11 10.29 -1.85
O ACE G 1 -17.27 9.38 -1.03
CH3 ACE G 1 -15.73 10.88 -2.10
N LEU G 2 -18.09 10.74 -2.58
CA LEU G 2 -18.98 9.75 -3.18
C LEU G 2 -18.21 8.55 -3.60
N LEU G 3 -18.40 7.45 -2.87
CA LEU G 3 -17.70 6.21 -3.17
C LEU G 3 -18.38 5.41 -4.27
N AR7 G 4 -17.55 4.74 -5.06
CA AR7 G 4 -17.98 3.90 -6.18
C AR7 G 4 -17.33 2.57 -6.00
O AR7 G 4 -15.82 2.56 -6.03
CB AR7 G 4 -17.51 4.47 -7.51
CG AR7 G 4 -18.38 5.57 -8.12
CD AR7 G 4 -18.02 6.96 -7.58
NE AR7 G 4 -18.52 7.96 -8.51
CZ AR7 G 4 -18.43 9.22 -8.39
NH1 AR7 G 4 -18.91 9.99 -9.26
NH2 AR7 G 4 -17.86 9.76 -7.38
C ACE H 1 -30.47 -51.26 10.18
O ACE H 1 -30.11 -50.73 9.09
CH3 ACE H 1 -31.90 -51.86 10.29
N LEU H 2 -29.68 -51.18 11.22
CA LEU H 2 -29.47 -49.90 11.95
C LEU H 2 -28.01 -49.54 11.68
N LEU H 3 -27.77 -48.31 11.29
CA LEU H 3 -26.42 -47.85 11.00
C LEU H 3 -25.87 -47.10 12.18
N AR7 H 4 -24.80 -46.36 11.96
CA AR7 H 4 -24.04 -45.82 13.05
C AR7 H 4 -23.21 -44.70 12.50
O AR7 H 4 -22.64 -43.65 13.42
CB AR7 H 4 -23.19 -46.94 13.65
CG AR7 H 4 -23.69 -47.32 15.02
CD AR7 H 4 -22.80 -48.40 15.60
NE AR7 H 4 -22.32 -47.83 16.84
CZ AR7 H 4 -22.62 -48.09 18.06
NH1 AR7 H 4 -23.45 -48.97 18.39
NH2 AR7 H 4 -22.06 -47.43 18.96
CA CA I . 26.12 16.49 -1.94
CA CA J . 28.28 5.77 -14.19
CA CA K . 24.19 22.66 -9.22
CA CA L . 40.19 20.75 -11.81
CA CA M . -23.46 -19.35 -0.94
CA CA N . -7.76 -14.37 -0.27
CA CA O . -21.40 -22.14 8.77
CA CA P . -12.70 -33.41 -0.01
#